data_7B9H
#
_entry.id   7B9H
#
_cell.length_a   64.748
_cell.length_b   98.628
_cell.length_c   119.821
_cell.angle_alpha   90.000
_cell.angle_beta   90.000
_cell.angle_gamma   90.000
#
_symmetry.space_group_name_H-M   'P 21 21 21'
#
loop_
_entity.id
_entity.type
_entity.pdbx_description
1 polymer "cAMP-specific 3',5'-cyclic phosphodiesterase 4D"
2 non-polymer 'ZINC ION'
3 non-polymer 'MAGNESIUM ION'
4 non-polymer 1,2-ETHANEDIOL
5 non-polymer 3-[(~{E})-1-(3-cyclopentyloxy-4-methoxy-phenyl)ethylideneamino]oxy-1-morpholin-4-yl-propan-1-one
6 water water
#
_entity_poly.entity_id   1
_entity_poly.type   'polypeptide(L)'
_entity_poly.pdbx_seq_one_letter_code
;MSIPRFGVKTEQEDVLAKELEDVNKWGLHVFRIAELSGNRPLTVIMHTIFQERDLLKTFKIPVDTLITYLMTLEDHYHAD
VAYHNNIHAADVVQSTHVLLSTPALEAVFTDLEILAAIFASAIHDVDHPGVSNQFLINTNSELALMYNDSSVLENHHLAV
GFKLLQEENCDIFQNLTKKQRQSLRKMVIDIVLATDMSKHMNLLADLKTMVETKKVTSSGVLLLDNYSDRIQVLQNMVHC
ADLSNPTKPLQLYRQWTDRIMEEFFRQGDRERERGMEISPMCDKHNASVEKSQVGFIDYIVHPLWETWADLVHPDAQDIL
DTLEDNREWYQSTIPQAHHHHHH
;
_entity_poly.pdbx_strand_id   A,B
#
loop_
_chem_comp.id
_chem_comp.type
_chem_comp.name
_chem_comp.formula
EDO non-polymer 1,2-ETHANEDIOL 'C2 H6 O2'
MG non-polymer 'MAGNESIUM ION' 'Mg 2'
T3K non-polymer 3-[(~{E})-1-(3-cyclopentyloxy-4-methoxy-phenyl)ethylideneamino]oxy-1-morpholin-4-yl-propan-1-one 'C21 H30 N2 O5'
ZN non-polymer 'ZINC ION' 'Zn 2'
#
# COMPACT_ATOMS: atom_id res chain seq x y z
N PRO A 4 -6.55 39.25 3.90
CA PRO A 4 -6.01 39.45 5.25
C PRO A 4 -4.51 39.21 5.35
N ARG A 5 -3.86 39.90 6.30
CA ARG A 5 -2.40 39.92 6.39
C ARG A 5 -1.81 38.52 6.47
N PHE A 6 -2.41 37.64 7.29
CA PHE A 6 -1.85 36.33 7.57
C PHE A 6 -2.72 35.19 7.04
N GLY A 7 -3.52 35.47 6.00
CA GLY A 7 -4.36 34.46 5.41
C GLY A 7 -5.70 34.23 6.09
N VAL A 8 -5.88 34.74 7.32
CA VAL A 8 -7.15 34.63 8.03
C VAL A 8 -7.40 35.94 8.78
N LYS A 9 -8.63 36.10 9.25
CA LYS A 9 -8.97 37.21 10.13
C LYS A 9 -8.60 36.89 11.58
N THR A 10 -8.19 37.92 12.30
CA THR A 10 -7.75 37.77 13.68
C THR A 10 -8.08 39.04 14.46
N GLU A 11 -8.37 38.88 15.75
CA GLU A 11 -8.77 40.02 16.57
C GLU A 11 -7.62 41.01 16.76
N GLN A 12 -6.37 40.55 16.67
CA GLN A 12 -5.26 41.48 16.49
C GLN A 12 -4.13 40.77 15.76
N GLU A 13 -3.88 41.21 14.53
CA GLU A 13 -2.75 40.71 13.77
C GLU A 13 -1.42 41.08 14.43
N ASP A 14 -1.38 42.18 15.18
CA ASP A 14 -0.12 42.63 15.75
C ASP A 14 0.43 41.61 16.73
N VAL A 15 -0.44 41.01 17.55
CA VAL A 15 0.03 39.94 18.42
C VAL A 15 0.39 38.71 17.59
N LEU A 16 -0.44 38.38 16.60
CA LEU A 16 -0.15 37.21 15.78
C LEU A 16 1.13 37.40 14.99
N ALA A 17 1.42 38.64 14.55
CA ALA A 17 2.66 38.92 13.82
C ALA A 17 3.88 38.70 14.70
N LYS A 18 3.83 39.21 15.94
CA LYS A 18 4.93 39.00 16.89
C LYS A 18 5.19 37.51 17.10
N GLU A 19 4.12 36.70 17.16
CA GLU A 19 4.32 35.27 17.35
C GLU A 19 4.87 34.63 16.08
N LEU A 20 4.38 35.05 14.90
CA LEU A 20 4.84 34.45 13.65
C LEU A 20 6.28 34.81 13.33
N GLU A 21 6.88 35.75 14.05
CA GLU A 21 8.32 36.00 13.85
C GLU A 21 9.16 34.81 14.25
N ASP A 22 8.62 33.88 15.01
CA ASP A 22 9.33 32.68 15.38
C ASP A 22 9.06 31.52 14.42
N VAL A 23 8.47 31.78 13.26
CA VAL A 23 8.15 30.69 12.33
C VAL A 23 9.42 29.96 11.88
N ASN A 24 10.58 30.62 11.96
CA ASN A 24 11.85 30.01 11.60
CA ASN A 24 11.79 29.93 11.57
C ASN A 24 12.55 29.38 12.78
N LYS A 25 11.92 29.33 13.96
CA LYS A 25 12.57 28.85 15.16
C LYS A 25 11.90 27.58 15.68
N TRP A 26 12.73 26.69 16.19
CA TRP A 26 12.23 25.55 16.95
C TRP A 26 11.49 26.06 18.17
N GLY A 27 10.31 25.52 18.43
CA GLY A 27 9.62 26.05 19.61
C GLY A 27 8.80 27.31 19.40
N LEU A 28 8.50 27.68 18.16
CA LEU A 28 7.35 28.52 17.85
C LEU A 28 6.19 28.17 18.78
N HIS A 29 5.44 29.18 19.21
CA HIS A 29 4.33 29.00 20.14
C HIS A 29 3.05 28.62 19.37
N VAL A 30 2.97 27.34 18.98
CA VAL A 30 1.93 26.97 18.00
C VAL A 30 0.53 26.97 18.62
N PHE A 31 0.43 26.76 19.94
CA PHE A 31 -0.88 26.84 20.56
C PHE A 31 -1.36 28.27 20.64
N ARG A 32 -0.45 29.21 20.93
CA ARG A 32 -0.85 30.61 20.88
C ARG A 32 -1.23 31.02 19.46
N ILE A 33 -0.50 30.53 18.46
CA ILE A 33 -0.85 30.85 17.08
C ILE A 33 -2.27 30.35 16.79
N ALA A 34 -2.59 29.16 17.27
CA ALA A 34 -3.92 28.61 17.09
C ALA A 34 -4.99 29.51 17.69
N GLU A 35 -4.77 29.98 18.92
CA GLU A 35 -5.75 30.84 19.55
CA GLU A 35 -5.73 30.85 19.57
C GLU A 35 -5.84 32.18 18.84
N LEU A 36 -4.69 32.81 18.53
CA LEU A 36 -4.70 34.13 17.88
C LEU A 36 -5.30 34.10 16.48
N SER A 37 -5.29 32.95 15.82
CA SER A 37 -5.77 32.88 14.45
C SER A 37 -7.20 32.37 14.38
N GLY A 38 -7.91 32.27 15.50
CA GLY A 38 -9.25 31.72 15.46
C GLY A 38 -9.23 30.27 15.00
N ASN A 39 -8.32 29.50 15.59
CA ASN A 39 -8.13 28.08 15.30
C ASN A 39 -7.84 27.83 13.82
N ARG A 40 -7.03 28.69 13.22
CA ARG A 40 -6.54 28.40 11.87
C ARG A 40 -5.01 28.33 11.82
N PRO A 41 -4.35 27.58 12.72
CA PRO A 41 -2.87 27.56 12.71
C PRO A 41 -2.31 26.96 11.44
N LEU A 42 -2.97 25.95 10.88
CA LEU A 42 -2.42 25.34 9.67
C LEU A 42 -2.46 26.32 8.50
N THR A 43 -3.59 27.03 8.33
CA THR A 43 -3.69 28.00 7.24
C THR A 43 -2.68 29.13 7.44
N VAL A 44 -2.59 29.69 8.64
CA VAL A 44 -1.72 30.83 8.90
CA VAL A 44 -1.72 30.84 8.81
C VAL A 44 -0.26 30.42 8.70
N ILE A 45 0.12 29.27 9.24
CA ILE A 45 1.53 28.88 9.18
C ILE A 45 1.94 28.50 7.77
N MET A 46 1.10 27.74 7.04
CA MET A 46 1.39 27.44 5.65
C MET A 46 1.46 28.68 4.80
N HIS A 47 0.54 29.61 4.99
CA HIS A 47 0.60 30.83 4.21
C HIS A 47 1.92 31.56 4.44
N THR A 48 2.33 31.64 5.70
CA THR A 48 3.56 32.35 6.04
C THR A 48 4.75 31.68 5.40
N ILE A 49 4.80 30.35 5.45
CA ILE A 49 5.93 29.62 4.92
C ILE A 49 5.98 29.73 3.40
N PHE A 50 4.82 29.62 2.74
CA PHE A 50 4.82 29.74 1.29
C PHE A 50 5.30 31.12 0.84
N GLN A 51 4.90 32.16 1.57
CA GLN A 51 5.37 33.50 1.24
C GLN A 51 6.87 33.64 1.50
N GLU A 52 7.34 33.19 2.67
CA GLU A 52 8.75 33.34 3.01
C GLU A 52 9.65 32.62 2.02
N ARG A 53 9.29 31.41 1.61
CA ARG A 53 10.06 30.63 0.65
C ARG A 53 9.77 31.01 -0.80
N ASP A 54 8.91 31.99 -1.05
CA ASP A 54 8.59 32.45 -2.40
C ASP A 54 8.00 31.35 -3.28
N LEU A 55 7.27 30.42 -2.67
CA LEU A 55 6.75 29.29 -3.42
C LEU A 55 5.57 29.67 -4.30
N LEU A 56 4.81 30.72 -3.95
CA LEU A 56 3.71 31.13 -4.83
C LEU A 56 4.25 31.59 -6.17
N LYS A 57 5.30 32.40 -6.16
CA LYS A 57 5.85 32.89 -7.42
C LYS A 57 6.54 31.77 -8.19
N THR A 58 7.29 30.90 -7.50
CA THR A 58 8.02 29.82 -8.18
C THR A 58 7.07 28.90 -8.92
N PHE A 59 5.95 28.55 -8.29
CA PHE A 59 5.03 27.59 -8.87
C PHE A 59 3.74 28.21 -9.35
N LYS A 60 3.69 29.54 -9.48
CA LYS A 60 2.53 30.27 -9.96
C LYS A 60 1.26 29.80 -9.28
N ILE A 61 1.28 29.79 -7.95
CA ILE A 61 0.15 29.41 -7.12
C ILE A 61 -0.63 30.68 -6.80
N PRO A 62 -1.87 30.84 -7.30
CA PRO A 62 -2.65 32.03 -6.93
C PRO A 62 -2.90 32.00 -5.43
N VAL A 63 -2.75 33.15 -4.78
CA VAL A 63 -2.82 33.17 -3.32
C VAL A 63 -4.22 32.82 -2.83
N ASP A 64 -5.26 33.22 -3.56
CA ASP A 64 -6.60 32.83 -3.13
C ASP A 64 -6.81 31.33 -3.26
N THR A 65 -6.17 30.71 -4.25
CA THR A 65 -6.20 29.25 -4.39
C THR A 65 -5.50 28.58 -3.23
N LEU A 66 -4.32 29.09 -2.85
CA LEU A 66 -3.63 28.56 -1.68
C LEU A 66 -4.50 28.66 -0.43
N ILE A 67 -5.09 29.84 -0.19
CA ILE A 67 -5.87 29.99 1.03
C ILE A 67 -7.11 29.12 1.00
N THR A 68 -7.77 29.00 -0.17
CA THR A 68 -8.96 28.16 -0.25
C THR A 68 -8.60 26.70 0.03
N TYR A 69 -7.50 26.21 -0.54
CA TYR A 69 -7.11 24.82 -0.28
C TYR A 69 -6.76 24.62 1.19
N LEU A 70 -6.01 25.56 1.78
CA LEU A 70 -5.57 25.39 3.16
C LEU A 70 -6.76 25.39 4.11
N MET A 71 -7.74 26.28 3.88
CA MET A 71 -8.92 26.29 4.71
CA MET A 71 -8.93 26.29 4.71
C MET A 71 -9.69 24.98 4.59
N THR A 72 -9.82 24.45 3.37
CA THR A 72 -10.49 23.19 3.17
C THR A 72 -9.75 22.05 3.85
N LEU A 73 -8.42 22.01 3.68
CA LEU A 73 -7.61 20.99 4.34
C LEU A 73 -7.73 21.08 5.86
N GLU A 74 -7.61 22.30 6.40
CA GLU A 74 -7.72 22.49 7.84
C GLU A 74 -9.08 22.03 8.35
N ASP A 75 -10.14 22.25 7.56
CA ASP A 75 -11.47 21.84 7.98
C ASP A 75 -11.61 20.32 8.05
N HIS A 76 -10.71 19.56 7.40
CA HIS A 76 -10.82 18.12 7.39
C HIS A 76 -9.94 17.47 8.44
N TYR A 77 -9.28 18.28 9.27
CA TYR A 77 -8.73 17.81 10.53
C TYR A 77 -9.83 17.95 11.57
N HIS A 78 -10.03 16.91 12.37
CA HIS A 78 -11.17 16.85 13.30
C HIS A 78 -10.95 17.77 14.50
N ALA A 79 -11.93 18.64 14.75
CA ALA A 79 -11.83 19.55 15.88
C ALA A 79 -11.92 18.83 17.22
N ASP A 80 -12.57 17.68 17.29
CA ASP A 80 -12.77 16.98 18.56
C ASP A 80 -11.76 15.87 18.82
N VAL A 81 -10.66 15.86 18.09
CA VAL A 81 -9.58 14.92 18.34
C VAL A 81 -8.49 15.69 19.06
N ALA A 82 -8.02 15.17 20.21
CA ALA A 82 -7.19 16.01 21.08
C ALA A 82 -5.78 16.22 20.56
N TYR A 83 -5.21 15.23 19.89
CA TYR A 83 -3.84 15.35 19.40
C TYR A 83 -3.78 15.47 17.88
N HIS A 84 -4.37 14.53 17.14
CA HIS A 84 -4.23 14.48 15.69
C HIS A 84 -5.19 15.44 14.97
N ASN A 85 -4.99 16.72 15.22
CA ASN A 85 -5.84 17.79 14.71
C ASN A 85 -5.01 18.81 13.94
N ASN A 86 -5.64 19.94 13.60
CA ASN A 86 -4.97 20.92 12.77
C ASN A 86 -3.77 21.57 13.46
N ILE A 87 -3.73 21.58 14.80
CA ILE A 87 -2.57 22.14 15.50
C ILE A 87 -1.37 21.22 15.30
N HIS A 88 -1.58 19.89 15.38
CA HIS A 88 -0.48 18.96 15.12
C HIS A 88 0.01 19.09 13.68
N ALA A 89 -0.92 19.18 12.72
CA ALA A 89 -0.52 19.38 11.33
C ALA A 89 0.32 20.63 11.20
N ALA A 90 -0.13 21.75 11.81
CA ALA A 90 0.63 23.00 11.72
C ALA A 90 2.02 22.84 12.34
N ASP A 91 2.10 22.13 13.46
CA ASP A 91 3.36 21.89 14.14
C ASP A 91 4.32 21.10 13.27
N VAL A 92 3.83 20.03 12.64
CA VAL A 92 4.72 19.23 11.79
C VAL A 92 5.18 20.01 10.56
N VAL A 93 4.28 20.77 9.93
CA VAL A 93 4.66 21.69 8.85
C VAL A 93 5.78 22.62 9.31
N GLN A 94 5.56 23.30 10.43
CA GLN A 94 6.52 24.31 10.84
C GLN A 94 7.83 23.67 11.23
N SER A 95 7.78 22.48 11.82
CA SER A 95 9.01 21.82 12.22
C SER A 95 9.80 21.35 11.00
N THR A 96 9.11 20.83 9.98
CA THR A 96 9.76 20.50 8.72
C THR A 96 10.39 21.73 8.08
N HIS A 97 9.69 22.86 8.14
CA HIS A 97 10.21 24.11 7.59
C HIS A 97 11.50 24.53 8.29
N VAL A 98 11.60 24.32 9.59
CA VAL A 98 12.86 24.60 10.28
C VAL A 98 13.93 23.59 9.89
N LEU A 99 13.59 22.29 9.88
CA LEU A 99 14.56 21.25 9.53
C LEU A 99 15.12 21.46 8.13
N LEU A 100 14.29 21.94 7.21
CA LEU A 100 14.77 22.11 5.83
C LEU A 100 15.83 23.20 5.74
N SER A 101 15.80 24.16 6.65
CA SER A 101 16.75 25.27 6.62
C SER A 101 18.04 24.96 7.35
N THR A 102 18.22 23.75 7.84
CA THR A 102 19.39 23.44 8.64
C THR A 102 20.65 23.63 7.79
N PRO A 103 21.72 24.19 8.35
CA PRO A 103 22.91 24.48 7.51
C PRO A 103 23.44 23.30 6.75
N ALA A 104 23.40 22.09 7.32
CA ALA A 104 23.91 20.91 6.63
C ALA A 104 23.14 20.61 5.35
N LEU A 105 21.96 21.22 5.14
CA LEU A 105 21.16 20.94 3.95
C LEU A 105 21.09 22.12 3.00
N GLU A 106 21.94 23.13 3.19
CA GLU A 106 21.93 24.30 2.33
C GLU A 106 22.10 23.92 0.87
N ALA A 107 21.15 24.36 0.04
CA ALA A 107 21.15 24.19 -1.41
C ALA A 107 21.06 22.72 -1.84
N VAL A 108 20.69 21.82 -0.94
CA VAL A 108 20.58 20.41 -1.30
C VAL A 108 19.31 20.12 -2.09
N PHE A 109 18.18 20.68 -1.67
CA PHE A 109 16.88 20.32 -2.23
C PHE A 109 16.39 21.35 -3.22
N THR A 110 15.71 20.87 -4.25
CA THR A 110 15.06 21.74 -5.20
C THR A 110 13.80 22.34 -4.59
N ASP A 111 13.30 23.39 -5.23
CA ASP A 111 12.06 24.01 -4.79
C ASP A 111 10.89 23.02 -4.84
N LEU A 112 10.88 22.10 -5.81
CA LEU A 112 9.83 21.09 -5.88
C LEU A 112 9.95 20.09 -4.73
N GLU A 113 11.18 19.73 -4.33
CA GLU A 113 11.36 18.84 -3.18
C GLU A 113 10.92 19.52 -1.89
N ILE A 114 11.23 20.82 -1.75
CA ILE A 114 10.82 21.59 -0.60
C ILE A 114 9.30 21.66 -0.53
N LEU A 115 8.67 21.96 -1.66
CA LEU A 115 7.20 21.98 -1.74
C LEU A 115 6.60 20.63 -1.35
N ALA A 116 7.18 19.53 -1.84
CA ALA A 116 6.66 18.20 -1.51
C ALA A 116 6.75 17.93 -0.01
N ALA A 117 7.89 18.22 0.61
CA ALA A 117 8.06 17.98 2.04
C ALA A 117 7.07 18.81 2.85
N ILE A 118 6.86 20.06 2.46
CA ILE A 118 5.95 20.91 3.23
C ILE A 118 4.50 20.48 3.03
N PHE A 119 4.14 20.16 1.78
CA PHE A 119 2.79 19.72 1.49
C PHE A 119 2.50 18.39 2.19
N ALA A 120 3.48 17.47 2.15
CA ALA A 120 3.29 16.19 2.81
C ALA A 120 3.07 16.38 4.30
N SER A 121 3.85 17.29 4.92
CA SER A 121 3.65 17.57 6.34
C SER A 121 2.26 18.11 6.61
N ALA A 122 1.75 18.95 5.72
CA ALA A 122 0.43 19.55 5.96
C ALA A 122 -0.71 18.54 5.89
N ILE A 123 -0.61 17.57 4.98
CA ILE A 123 -1.69 16.60 4.80
C ILE A 123 -1.48 15.32 5.60
N HIS A 124 -0.38 15.20 6.32
CA HIS A 124 0.04 13.84 6.67
C HIS A 124 -0.86 13.14 7.67
N ASP A 125 -1.72 13.88 8.40
CA ASP A 125 -2.67 13.23 9.28
C ASP A 125 -4.12 13.66 8.99
N VAL A 126 -4.43 14.15 7.79
CA VAL A 126 -5.76 14.75 7.59
C VAL A 126 -6.86 13.69 7.72
N ASP A 127 -8.00 14.09 8.31
CA ASP A 127 -9.12 13.18 8.59
C ASP A 127 -8.75 12.06 9.54
N HIS A 128 -7.77 12.30 10.39
CA HIS A 128 -7.44 11.31 11.41
C HIS A 128 -8.61 11.14 12.37
N PRO A 129 -9.04 9.90 12.63
CA PRO A 129 -10.18 9.68 13.53
C PRO A 129 -9.82 9.61 15.01
N GLY A 130 -8.55 9.74 15.38
CA GLY A 130 -8.20 9.63 16.79
C GLY A 130 -8.03 8.23 17.34
N VAL A 131 -7.94 7.23 16.48
CA VAL A 131 -7.65 5.85 16.84
C VAL A 131 -6.56 5.34 15.91
N SER A 132 -5.87 4.33 16.37
CA SER A 132 -4.68 3.79 15.69
C SER A 132 -5.07 2.87 14.53
N ASN A 133 -4.07 2.60 13.67
CA ASN A 133 -4.23 1.56 12.64
C ASN A 133 -4.67 0.24 13.25
N GLN A 134 -4.02 -0.19 14.34
CA GLN A 134 -4.37 -1.50 14.90
C GLN A 134 -5.83 -1.52 15.40
N PHE A 135 -6.29 -0.43 16.01
CA PHE A 135 -7.69 -0.35 16.39
C PHE A 135 -8.59 -0.46 15.17
N LEU A 136 -8.23 0.21 14.06
CA LEU A 136 -9.07 0.14 12.85
C LEU A 136 -9.09 -1.27 12.28
N ILE A 137 -7.96 -1.99 12.36
CA ILE A 137 -7.89 -3.38 11.93
C ILE A 137 -8.74 -4.26 12.84
N ASN A 138 -8.61 -4.07 14.17
CA ASN A 138 -9.21 -4.98 15.15
C ASN A 138 -10.71 -4.86 15.15
N THR A 139 -11.23 -3.69 14.78
CA THR A 139 -12.66 -3.45 14.73
C THR A 139 -13.26 -3.63 13.33
N ASN A 140 -12.49 -4.17 12.36
CA ASN A 140 -13.02 -4.49 11.03
C ASN A 140 -13.59 -3.26 10.35
N SER A 141 -12.89 -2.14 10.50
CA SER A 141 -13.37 -0.88 9.98
C SER A 141 -13.39 -0.91 8.46
N GLU A 142 -14.22 -0.07 7.90
CA GLU A 142 -14.23 0.07 6.44
CA GLU A 142 -14.22 0.01 6.45
C GLU A 142 -12.87 0.50 5.92
N LEU A 143 -12.20 1.40 6.66
CA LEU A 143 -10.89 1.86 6.19
C LEU A 143 -9.89 0.71 6.11
N ALA A 144 -9.90 -0.18 7.10
CA ALA A 144 -8.96 -1.29 7.09
C ALA A 144 -9.34 -2.27 6.00
N LEU A 145 -10.64 -2.38 5.70
CA LEU A 145 -11.10 -3.20 4.57
C LEU A 145 -10.63 -2.62 3.25
N MET A 146 -10.77 -1.30 3.09
CA MET A 146 -10.32 -0.64 1.88
CA MET A 146 -10.32 -0.64 1.88
C MET A 146 -8.83 -0.83 1.65
N TYR A 147 -8.02 -0.75 2.71
CA TYR A 147 -6.59 -0.72 2.56
C TYR A 147 -5.89 -2.01 2.97
N ASN A 148 -6.64 -3.11 3.15
CA ASN A 148 -6.03 -4.42 3.34
C ASN A 148 -5.05 -4.42 4.51
N ASP A 149 -5.45 -3.71 5.58
CA ASP A 149 -4.74 -3.68 6.85
C ASP A 149 -3.35 -3.06 6.81
N SER A 150 -2.95 -2.45 5.68
CA SER A 150 -1.59 -1.97 5.50
CA SER A 150 -1.58 -1.98 5.48
C SER A 150 -1.57 -0.46 5.40
N SER A 151 -0.82 0.18 6.32
CA SER A 151 -0.73 1.64 6.41
C SER A 151 -2.09 2.27 6.21
N VAL A 152 -3.06 1.78 6.99
CA VAL A 152 -4.44 2.13 6.73
C VAL A 152 -4.65 3.63 6.80
N LEU A 153 -4.24 4.26 7.92
CA LEU A 153 -4.47 5.69 8.03
C LEU A 153 -3.62 6.47 7.05
N GLU A 154 -2.33 6.09 6.91
CA GLU A 154 -1.44 6.88 6.08
C GLU A 154 -1.89 6.86 4.62
N ASN A 155 -2.40 5.73 4.13
CA ASN A 155 -2.98 5.71 2.78
C ASN A 155 -4.19 6.65 2.70
N HIS A 156 -4.98 6.68 3.75
CA HIS A 156 -6.17 7.52 3.77
C HIS A 156 -5.82 9.00 3.82
N HIS A 157 -4.83 9.39 4.65
CA HIS A 157 -4.45 10.80 4.70
C HIS A 157 -4.02 11.30 3.33
N LEU A 158 -3.26 10.48 2.61
CA LEU A 158 -2.82 10.84 1.27
C LEU A 158 -4.02 10.99 0.34
N ALA A 159 -4.90 9.98 0.32
CA ALA A 159 -6.03 10.04 -0.61
C ALA A 159 -6.86 11.31 -0.34
N VAL A 160 -7.10 11.64 0.92
CA VAL A 160 -7.90 12.83 1.22
C VAL A 160 -7.18 14.09 0.81
N GLY A 161 -5.89 14.20 1.18
CA GLY A 161 -5.18 15.43 0.88
C GLY A 161 -5.10 15.71 -0.60
N PHE A 162 -4.95 14.66 -1.41
CA PHE A 162 -4.93 14.85 -2.86
C PHE A 162 -6.33 15.12 -3.39
N LYS A 163 -7.35 14.46 -2.84
CA LYS A 163 -8.69 14.66 -3.35
C LYS A 163 -9.16 16.11 -3.14
N LEU A 164 -8.76 16.73 -2.03
CA LEU A 164 -9.19 18.10 -1.76
C LEU A 164 -8.65 19.08 -2.80
N LEU A 165 -7.59 18.74 -3.53
CA LEU A 165 -7.11 19.60 -4.63
C LEU A 165 -8.17 19.77 -5.70
N GLN A 166 -9.11 18.84 -5.79
CA GLN A 166 -10.11 18.87 -6.84
C GLN A 166 -11.31 19.75 -6.51
N GLU A 167 -11.37 20.31 -5.32
CA GLU A 167 -12.50 21.15 -4.94
C GLU A 167 -12.35 22.52 -5.60
N GLU A 168 -13.46 23.25 -5.65
CA GLU A 168 -13.47 24.51 -6.39
C GLU A 168 -12.35 25.44 -5.93
N ASN A 169 -11.51 25.86 -6.88
CA ASN A 169 -10.47 26.84 -6.61
C ASN A 169 -9.49 26.35 -5.54
N CYS A 170 -9.18 25.06 -5.56
CA CYS A 170 -8.27 24.47 -4.59
C CYS A 170 -7.02 23.85 -5.20
N ASP A 171 -6.84 23.88 -6.52
CA ASP A 171 -5.73 23.11 -7.09
C ASP A 171 -4.47 23.93 -7.06
N ILE A 172 -3.74 23.85 -5.94
CA ILE A 172 -2.54 24.64 -5.80
C ILE A 172 -1.44 24.18 -6.75
N PHE A 173 -1.60 23.02 -7.41
CA PHE A 173 -0.56 22.55 -8.31
C PHE A 173 -0.93 22.75 -9.76
N GLN A 174 -1.95 23.56 -10.03
CA GLN A 174 -2.49 23.69 -11.39
C GLN A 174 -1.45 24.18 -12.39
N ASN A 175 -0.43 24.91 -11.94
CA ASN A 175 0.57 25.46 -12.87
C ASN A 175 1.90 24.74 -12.82
N LEU A 176 1.97 23.60 -12.12
CA LEU A 176 3.10 22.71 -12.27
C LEU A 176 3.00 22.03 -13.63
N THR A 177 4.15 21.66 -14.20
CA THR A 177 4.12 20.85 -15.41
C THR A 177 3.62 19.45 -15.09
N LYS A 178 3.32 18.69 -16.14
CA LYS A 178 2.82 17.33 -15.95
C LYS A 178 3.83 16.46 -15.21
N LYS A 179 5.10 16.60 -15.54
CA LYS A 179 6.13 15.80 -14.88
C LYS A 179 6.45 16.33 -13.49
N GLN A 180 6.36 17.65 -13.27
CA GLN A 180 6.48 18.18 -11.92
C GLN A 180 5.39 17.61 -11.04
N ARG A 181 4.14 17.60 -11.53
CA ARG A 181 3.06 17.01 -10.76
CA ARG A 181 3.04 17.01 -10.78
C ARG A 181 3.31 15.54 -10.45
N GLN A 182 3.77 14.77 -11.45
CA GLN A 182 4.06 13.36 -11.21
C GLN A 182 5.16 13.19 -10.18
N SER A 183 6.20 14.02 -10.26
CA SER A 183 7.32 13.88 -9.34
CA SER A 183 7.32 13.86 -9.33
C SER A 183 6.88 14.24 -7.93
N LEU A 184 6.16 15.36 -7.80
CA LEU A 184 5.69 15.79 -6.49
C LEU A 184 4.76 14.75 -5.88
N ARG A 185 3.84 14.21 -6.69
CA ARG A 185 2.93 13.20 -6.17
C ARG A 185 3.68 12.00 -5.61
N LYS A 186 4.67 11.50 -6.36
CA LYS A 186 5.46 10.37 -5.89
C LYS A 186 6.21 10.69 -4.60
N MET A 187 6.83 11.86 -4.52
CA MET A 187 7.55 12.20 -3.28
C MET A 187 6.60 12.33 -2.11
N VAL A 188 5.44 12.95 -2.31
CA VAL A 188 4.49 13.12 -1.20
C VAL A 188 3.98 11.77 -0.70
N ILE A 189 3.67 10.84 -1.60
CA ILE A 189 3.28 9.50 -1.19
C ILE A 189 4.41 8.83 -0.41
N ASP A 190 5.64 8.93 -0.92
CA ASP A 190 6.75 8.27 -0.25
C ASP A 190 6.93 8.83 1.15
N ILE A 191 6.74 10.15 1.32
CA ILE A 191 6.97 10.77 2.61
C ILE A 191 5.85 10.41 3.60
N VAL A 192 4.59 10.52 3.17
CA VAL A 192 3.51 10.27 4.15
C VAL A 192 3.44 8.78 4.49
N LEU A 193 3.74 7.89 3.55
CA LEU A 193 3.70 6.47 3.95
C LEU A 193 4.78 6.17 4.99
N ALA A 194 5.90 6.88 4.95
CA ALA A 194 6.96 6.70 5.93
C ALA A 194 6.60 7.22 7.32
N THR A 195 5.43 7.86 7.47
CA THR A 195 5.07 8.28 8.84
C THR A 195 4.33 7.18 9.58
N ASP A 196 4.02 6.05 8.94
CA ASP A 196 3.47 4.87 9.64
C ASP A 196 4.49 4.32 10.65
N MET A 197 4.14 4.30 11.96
CA MET A 197 5.12 3.87 12.95
CA MET A 197 5.13 3.84 12.95
C MET A 197 5.53 2.40 12.77
N SER A 198 4.70 1.59 12.11
CA SER A 198 5.16 0.23 11.83
C SER A 198 6.42 0.21 10.96
N LYS A 199 6.78 1.31 10.32
CA LYS A 199 7.96 1.37 9.49
C LYS A 199 9.13 2.03 10.18
N HIS A 200 8.93 2.50 11.41
CA HIS A 200 9.95 3.29 12.09
C HIS A 200 11.28 2.53 12.24
N MET A 201 11.22 1.27 12.67
CA MET A 201 12.47 0.55 12.94
C MET A 201 13.27 0.34 11.66
N ASN A 202 12.61 -0.07 10.57
CA ASN A 202 13.31 -0.22 9.30
C ASN A 202 13.81 1.12 8.80
N LEU A 203 13.00 2.17 8.93
CA LEU A 203 13.41 3.49 8.46
C LEU A 203 14.64 3.96 9.21
N LEU A 204 14.67 3.76 10.54
CA LEU A 204 15.80 4.20 11.34
C LEU A 204 17.03 3.40 11.01
N ALA A 205 16.87 2.08 10.82
CA ALA A 205 18.01 1.24 10.49
C ALA A 205 18.65 1.69 9.19
N ASP A 206 17.82 2.02 8.19
CA ASP A 206 18.32 2.53 6.92
C ASP A 206 18.96 3.90 7.09
N LEU A 207 18.39 4.75 7.97
CA LEU A 207 19.01 6.05 8.18
C LEU A 207 20.38 5.91 8.82
N LYS A 208 20.52 4.98 9.78
CA LYS A 208 21.85 4.76 10.36
C LYS A 208 22.85 4.35 9.30
N THR A 209 22.42 3.55 8.33
CA THR A 209 23.32 3.15 7.24
C THR A 209 23.72 4.34 6.39
N MET A 210 22.79 5.25 6.12
CA MET A 210 23.15 6.45 5.37
C MET A 210 24.13 7.31 6.15
N VAL A 211 23.93 7.43 7.46
CA VAL A 211 24.83 8.24 8.28
C VAL A 211 26.24 7.65 8.28
N GLU A 212 26.34 6.34 8.37
CA GLU A 212 27.65 5.67 8.33
C GLU A 212 28.44 6.03 7.08
N THR A 213 27.75 6.25 5.95
CA THR A 213 28.43 6.51 4.69
C THR A 213 28.21 7.93 4.18
N LYS A 214 27.85 8.87 5.06
CA LYS A 214 27.53 10.21 4.60
C LYS A 214 28.71 10.83 3.84
N LYS A 215 28.38 11.53 2.76
CA LYS A 215 29.32 12.36 2.01
C LYS A 215 28.99 13.81 2.29
N VAL A 216 30.03 14.58 2.59
CA VAL A 216 29.90 15.94 3.07
C VAL A 216 30.97 16.80 2.41
N THR A 217 30.61 18.02 2.03
CA THR A 217 31.58 18.97 1.51
C THR A 217 32.55 19.39 2.61
N SER A 218 33.38 20.40 2.32
CA SER A 218 34.31 20.90 3.33
C SER A 218 33.57 21.52 4.51
N SER A 219 32.48 22.25 4.23
CA SER A 219 31.78 23.02 5.25
C SER A 219 30.68 22.25 5.96
N GLY A 220 30.50 20.96 5.66
CA GLY A 220 29.52 20.16 6.35
C GLY A 220 28.21 19.95 5.60
N VAL A 221 28.09 20.42 4.37
CA VAL A 221 26.85 20.30 3.61
C VAL A 221 26.76 18.91 3.00
N LEU A 222 25.61 18.27 3.15
CA LEU A 222 25.48 16.91 2.67
C LEU A 222 25.48 16.88 1.16
N LEU A 223 26.02 15.79 0.62
CA LEU A 223 26.05 15.54 -0.81
C LEU A 223 25.15 14.35 -1.07
N LEU A 224 23.94 14.61 -1.56
CA LEU A 224 23.01 13.57 -1.94
C LEU A 224 23.12 13.34 -3.45
N ASP A 225 23.06 12.07 -3.86
CA ASP A 225 23.44 11.72 -5.23
C ASP A 225 22.27 11.48 -6.17
N ASN A 226 21.11 11.12 -5.66
CA ASN A 226 20.04 10.61 -6.52
C ASN A 226 18.74 10.70 -5.74
N TYR A 227 17.64 10.30 -6.41
CA TYR A 227 16.33 10.31 -5.76
C TYR A 227 16.34 9.50 -4.47
N SER A 228 16.95 8.32 -4.48
CA SER A 228 16.93 7.48 -3.30
CA SER A 228 16.92 7.48 -3.29
C SER A 228 17.48 8.21 -2.09
N ASP A 229 18.61 8.91 -2.26
CA ASP A 229 19.21 9.66 -1.16
C ASP A 229 18.29 10.78 -0.73
N ARG A 230 17.78 11.53 -1.69
CA ARG A 230 17.01 12.73 -1.37
C ARG A 230 15.71 12.35 -0.68
N ILE A 231 15.00 11.36 -1.23
CA ILE A 231 13.72 10.99 -0.62
C ILE A 231 13.94 10.36 0.75
N GLN A 232 15.05 9.65 0.96
CA GLN A 232 15.29 9.06 2.26
C GLN A 232 15.50 10.15 3.30
N VAL A 233 16.24 11.20 2.97
CA VAL A 233 16.42 12.29 3.94
C VAL A 233 15.09 12.98 4.19
N LEU A 234 14.30 13.22 3.13
CA LEU A 234 13.00 13.88 3.34
C LEU A 234 12.04 13.02 4.14
N GLN A 235 12.02 11.71 3.90
CA GLN A 235 11.20 10.81 4.71
C GLN A 235 11.57 10.87 6.17
N ASN A 236 12.86 10.80 6.46
CA ASN A 236 13.30 10.83 7.85
C ASN A 236 13.11 12.21 8.47
N MET A 237 13.24 13.28 7.66
CA MET A 237 13.00 14.63 8.14
C MET A 237 11.56 14.80 8.64
N VAL A 238 10.58 14.41 7.81
CA VAL A 238 9.19 14.57 8.21
C VAL A 238 8.85 13.59 9.33
N HIS A 239 9.48 12.41 9.37
CA HIS A 239 9.27 11.51 10.50
C HIS A 239 9.81 12.13 11.80
N CYS A 240 10.99 12.72 11.75
CA CYS A 240 11.53 13.42 12.91
C CYS A 240 10.58 14.54 13.32
N ALA A 241 10.01 15.29 12.35
CA ALA A 241 9.12 16.40 12.69
C ALA A 241 7.86 15.87 13.36
N ASP A 242 7.38 14.71 12.88
CA ASP A 242 6.19 14.08 13.46
C ASP A 242 6.51 13.61 14.88
N LEU A 243 7.77 13.24 15.15
CA LEU A 243 8.21 12.76 16.45
C LEU A 243 9.03 13.82 17.20
N SER A 244 8.69 15.10 17.03
CA SER A 244 9.50 16.17 17.58
C SER A 244 8.99 16.72 18.91
N ASN A 245 7.79 16.31 19.35
CA ASN A 245 7.24 16.92 20.57
C ASN A 245 8.22 16.90 21.74
N PRO A 246 8.93 15.81 22.03
CA PRO A 246 9.79 15.80 23.23
C PRO A 246 11.04 16.61 23.08
N THR A 247 11.33 17.12 21.88
CA THR A 247 12.51 17.96 21.65
C THR A 247 12.19 19.43 21.72
N LYS A 248 10.93 19.78 21.98
CA LYS A 248 10.47 21.16 22.00
C LYS A 248 10.60 21.73 23.39
N PRO A 249 10.55 23.07 23.51
CA PRO A 249 10.50 23.68 24.84
C PRO A 249 9.46 22.98 25.69
N LEU A 250 9.81 22.80 26.96
CA LEU A 250 9.06 21.90 27.83
C LEU A 250 7.58 22.24 27.92
N GLN A 251 7.20 23.52 27.91
CA GLN A 251 5.79 23.82 28.06
C GLN A 251 4.98 23.35 26.86
N LEU A 252 5.59 23.38 25.67
CA LEU A 252 4.95 22.80 24.50
C LEU A 252 4.83 21.30 24.65
N TYR A 253 5.95 20.63 24.97
CA TYR A 253 5.95 19.21 25.19
C TYR A 253 4.90 18.79 26.22
N ARG A 254 4.79 19.54 27.32
CA ARG A 254 3.83 19.13 28.34
C ARG A 254 2.41 19.12 27.79
N GLN A 255 2.05 20.14 27.03
CA GLN A 255 0.74 20.18 26.40
C GLN A 255 0.55 19.05 25.38
N TRP A 256 1.57 18.77 24.56
CA TRP A 256 1.45 17.66 23.61
C TRP A 256 1.21 16.35 24.34
N THR A 257 1.89 16.14 25.46
CA THR A 257 1.70 14.92 26.23
C THR A 257 0.27 14.83 26.75
N ASP A 258 -0.22 15.93 27.32
CA ASP A 258 -1.60 15.95 27.79
C ASP A 258 -2.57 15.59 26.68
N ARG A 259 -2.33 16.10 25.45
CA ARG A 259 -3.26 15.85 24.35
C ARG A 259 -3.18 14.41 23.85
N ILE A 260 -1.97 13.86 23.69
CA ILE A 260 -1.89 12.49 23.20
C ILE A 260 -2.49 11.54 24.22
N MET A 261 -2.41 11.87 25.51
CA MET A 261 -2.93 10.92 26.48
C MET A 261 -4.44 10.98 26.48
N GLU A 262 -4.99 12.18 26.24
CA GLU A 262 -6.43 12.32 26.13
C GLU A 262 -6.96 11.52 24.95
N GLU A 263 -6.24 11.55 23.84
CA GLU A 263 -6.71 10.81 22.67
C GLU A 263 -6.56 9.31 22.89
N PHE A 264 -5.44 8.89 23.46
CA PHE A 264 -5.22 7.48 23.74
C PHE A 264 -6.28 6.96 24.70
N PHE A 265 -6.56 7.71 25.77
CA PHE A 265 -7.54 7.24 26.76
C PHE A 265 -8.92 7.07 26.13
N ARG A 266 -9.31 7.99 25.24
CA ARG A 266 -10.56 7.86 24.51
C ARG A 266 -10.57 6.58 23.66
N GLN A 267 -9.43 6.23 23.04
CA GLN A 267 -9.41 4.96 22.34
C GLN A 267 -9.58 3.78 23.29
N GLY A 268 -8.90 3.82 24.45
CA GLY A 268 -8.99 2.70 25.37
C GLY A 268 -10.39 2.54 25.90
N ASP A 269 -11.12 3.66 26.06
CA ASP A 269 -12.51 3.61 26.50
C ASP A 269 -13.35 2.88 25.47
N ARG A 270 -13.09 3.13 24.18
CA ARG A 270 -13.81 2.42 23.13
C ARG A 270 -13.47 0.94 23.16
N GLU A 271 -12.21 0.62 23.42
CA GLU A 271 -11.82 -0.77 23.51
C GLU A 271 -12.48 -1.44 24.70
N ARG A 272 -12.47 -0.77 25.84
CA ARG A 272 -13.08 -1.33 27.06
C ARG A 272 -14.55 -1.58 26.86
N GLU A 273 -15.23 -0.66 26.18
CA GLU A 273 -16.66 -0.76 25.97
C GLU A 273 -17.02 -1.94 25.09
N ARG A 274 -16.13 -2.31 24.16
CA ARG A 274 -16.36 -3.44 23.27
C ARG A 274 -15.75 -4.73 23.78
N GLY A 275 -15.28 -4.76 25.02
CA GLY A 275 -14.70 -5.97 25.56
C GLY A 275 -13.35 -6.33 25.01
N MET A 276 -12.68 -5.40 24.32
CA MET A 276 -11.38 -5.72 23.74
C MET A 276 -10.28 -5.49 24.77
N GLU A 277 -9.14 -6.13 24.54
CA GLU A 277 -7.91 -5.77 25.21
C GLU A 277 -7.64 -4.29 25.02
N ILE A 278 -7.29 -3.59 26.09
CA ILE A 278 -6.97 -2.18 25.95
C ILE A 278 -5.54 -2.04 25.43
N SER A 279 -5.36 -1.16 24.44
CA SER A 279 -4.05 -1.00 23.83
C SER A 279 -3.04 -0.45 24.81
N PRO A 280 -1.76 -0.73 24.61
CA PRO A 280 -0.71 -0.15 25.46
C PRO A 280 -0.87 1.36 25.59
N MET A 281 -0.84 1.83 26.83
CA MET A 281 -0.87 3.24 27.20
C MET A 281 -2.21 3.89 26.90
N CYS A 282 -3.26 3.10 26.61
CA CYS A 282 -4.59 3.69 26.50
C CYS A 282 -5.55 3.38 27.64
N ASP A 283 -5.07 2.87 28.77
CA ASP A 283 -5.97 2.60 29.92
C ASP A 283 -5.86 3.74 30.93
N LYS A 284 -6.86 4.63 30.95
CA LYS A 284 -6.84 5.74 31.90
C LYS A 284 -6.88 5.25 33.34
N HIS A 285 -7.30 4.03 33.57
CA HIS A 285 -7.36 3.49 34.93
C HIS A 285 -6.01 2.95 35.39
N ASN A 286 -5.07 2.71 34.47
CA ASN A 286 -3.80 2.09 34.79
C ASN A 286 -2.72 2.71 33.90
N ALA A 287 -2.51 4.00 34.07
CA ALA A 287 -1.58 4.74 33.25
C ALA A 287 -0.41 5.23 34.09
N SER A 288 0.75 5.30 33.47
CA SER A 288 1.94 5.90 34.05
C SER A 288 2.48 6.89 33.01
N VAL A 289 1.83 8.04 32.95
CA VAL A 289 2.08 9.01 31.86
C VAL A 289 3.55 9.41 31.82
N GLU A 290 4.11 9.74 32.98
CA GLU A 290 5.50 10.20 33.04
C GLU A 290 6.46 9.08 32.67
N LYS A 291 6.28 7.89 33.24
CA LYS A 291 7.11 6.75 32.88
C LYS A 291 7.05 6.46 31.40
N SER A 292 5.86 6.57 30.81
CA SER A 292 5.67 6.23 29.41
C SER A 292 6.39 7.21 28.51
N GLN A 293 6.41 8.48 28.88
CA GLN A 293 7.17 9.46 28.12
C GLN A 293 8.66 9.15 28.15
N VAL A 294 9.19 8.79 29.32
CA VAL A 294 10.62 8.45 29.40
C VAL A 294 10.91 7.22 28.54
N GLY A 295 10.03 6.22 28.59
CA GLY A 295 10.21 5.04 27.72
C GLY A 295 10.13 5.39 26.25
N PHE A 296 9.21 6.28 25.88
CA PHE A 296 9.07 6.78 24.52
C PHE A 296 10.35 7.45 24.04
N ILE A 297 10.93 8.31 24.89
CA ILE A 297 12.19 8.97 24.54
C ILE A 297 13.32 7.94 24.42
N ASP A 298 13.43 7.03 25.39
CA ASP A 298 14.55 6.07 25.39
C ASP A 298 14.50 5.14 24.18
N TYR A 299 13.32 4.67 23.81
CA TYR A 299 13.25 3.63 22.80
C TYR A 299 12.93 4.14 21.40
N ILE A 300 12.35 5.32 21.26
CA ILE A 300 11.95 5.80 19.93
C ILE A 300 12.62 7.13 19.63
N VAL A 301 12.34 8.14 20.45
CA VAL A 301 12.64 9.51 20.06
C VAL A 301 14.13 9.80 20.13
N HIS A 302 14.81 9.41 21.22
CA HIS A 302 16.24 9.71 21.26
C HIS A 302 17.02 8.91 20.23
N PRO A 303 16.78 7.61 20.05
CA PRO A 303 17.49 6.90 18.97
C PRO A 303 17.33 7.54 17.60
N LEU A 304 16.12 8.02 17.27
CA LEU A 304 15.92 8.71 16.00
C LEU A 304 16.66 10.02 15.95
N TRP A 305 16.52 10.85 16.99
CA TRP A 305 17.07 12.19 16.90
C TRP A 305 18.59 12.19 17.06
N GLU A 306 19.13 11.19 17.76
CA GLU A 306 20.59 11.10 17.82
C GLU A 306 21.15 10.75 16.45
N THR A 307 20.39 9.98 15.65
CA THR A 307 20.81 9.65 14.28
C THR A 307 20.65 10.83 13.33
N TRP A 308 19.52 11.54 13.41
CA TRP A 308 19.40 12.79 12.66
C TRP A 308 20.51 13.77 13.02
N ALA A 309 20.80 13.90 14.32
CA ALA A 309 21.82 14.84 14.76
C ALA A 309 23.18 14.48 14.18
N ASP A 310 23.41 13.17 14.03
CA ASP A 310 24.64 12.71 13.40
CA ASP A 310 24.63 12.69 13.39
C ASP A 310 24.69 13.16 11.94
N LEU A 311 23.57 13.01 11.22
CA LEU A 311 23.51 13.38 9.81
C LEU A 311 23.84 14.84 9.58
N VAL A 312 23.34 15.72 10.45
CA VAL A 312 23.46 17.16 10.24
C VAL A 312 24.43 17.79 11.23
N HIS A 313 25.34 17.01 11.79
CA HIS A 313 26.19 17.48 12.88
C HIS A 313 26.88 18.78 12.50
N PRO A 314 26.89 19.80 13.37
CA PRO A 314 26.33 19.91 14.72
C PRO A 314 24.97 20.61 14.81
N ASP A 315 24.24 20.68 13.69
CA ASP A 315 23.08 21.57 13.58
C ASP A 315 22.00 21.28 14.62
N ALA A 316 21.87 20.03 15.05
CA ALA A 316 20.78 19.62 15.92
C ALA A 316 21.21 19.44 17.37
N GLN A 317 22.37 19.99 17.76
CA GLN A 317 22.88 19.74 19.09
C GLN A 317 21.95 20.27 20.18
N ASP A 318 21.40 21.47 20.01
CA ASP A 318 20.50 22.06 21.00
C ASP A 318 19.18 21.30 21.09
N ILE A 319 18.72 20.73 19.96
CA ILE A 319 17.50 19.94 20.00
C ILE A 319 17.72 18.70 20.85
N LEU A 320 18.86 18.06 20.66
CA LEU A 320 19.23 16.89 21.44
C LEU A 320 19.36 17.23 22.93
N ASP A 321 20.00 18.36 23.24
CA ASP A 321 20.14 18.81 24.63
C ASP A 321 18.77 19.06 25.28
N THR A 322 17.84 19.66 24.53
CA THR A 322 16.50 19.88 25.04
C THR A 322 15.79 18.55 25.30
N LEU A 323 15.96 17.60 24.36
CA LEU A 323 15.39 16.27 24.57
C LEU A 323 15.87 15.66 25.87
N GLU A 324 17.18 15.75 26.15
CA GLU A 324 17.67 15.14 27.39
CA GLU A 324 17.66 15.13 27.37
C GLU A 324 17.12 15.85 28.61
N ASP A 325 17.05 17.19 28.58
CA ASP A 325 16.46 17.91 29.70
C ASP A 325 14.99 17.54 29.89
N ASN A 326 14.26 17.37 28.78
CA ASN A 326 12.85 17.04 28.92
C ASN A 326 12.66 15.62 29.42
N ARG A 327 13.55 14.71 29.03
CA ARG A 327 13.51 13.38 29.61
C ARG A 327 13.63 13.45 31.13
N GLU A 328 14.55 14.29 31.62
CA GLU A 328 14.76 14.47 33.05
C GLU A 328 13.52 15.01 33.74
N TRP A 329 12.82 15.94 33.09
CA TRP A 329 11.56 16.43 33.64
C TRP A 329 10.59 15.29 33.91
N TYR A 330 10.35 14.44 32.93
CA TYR A 330 9.35 13.41 33.14
C TYR A 330 9.86 12.36 34.11
N GLN A 331 11.17 12.07 34.09
CA GLN A 331 11.74 11.15 35.07
C GLN A 331 11.54 11.69 36.48
N SER A 332 11.74 12.99 36.67
CA SER A 332 11.65 13.61 37.98
CA SER A 332 11.65 13.63 37.98
C SER A 332 10.21 13.77 38.47
N THR A 333 9.22 13.58 37.58
CA THR A 333 7.83 13.70 37.98
C THR A 333 7.12 12.34 37.99
N ILE A 334 7.84 11.24 37.83
CA ILE A 334 7.24 9.92 38.08
C ILE A 334 6.82 9.84 39.54
N PRO A 335 5.54 9.58 39.85
CA PRO A 335 5.12 9.48 41.26
C PRO A 335 5.85 8.34 41.98
N GLN B 12 -27.11 -28.92 -21.01
CA GLN B 12 -27.16 -30.31 -20.56
C GLN B 12 -26.25 -30.58 -19.36
N GLU B 13 -26.87 -30.86 -18.22
CA GLU B 13 -26.11 -31.15 -17.00
C GLU B 13 -25.35 -32.45 -17.08
N ASP B 14 -25.65 -33.30 -18.07
CA ASP B 14 -24.89 -34.54 -18.23
C ASP B 14 -23.47 -34.26 -18.68
N VAL B 15 -23.32 -33.45 -19.75
CA VAL B 15 -22.00 -33.17 -20.29
C VAL B 15 -21.16 -32.40 -19.29
N LEU B 16 -21.78 -31.52 -18.50
CA LEU B 16 -21.03 -30.71 -17.53
C LEU B 16 -20.37 -31.58 -16.48
N ALA B 17 -21.06 -32.62 -16.01
CA ALA B 17 -20.45 -33.54 -15.06
C ALA B 17 -19.27 -34.27 -15.68
N LYS B 18 -19.36 -34.59 -16.97
CA LYS B 18 -18.24 -35.23 -17.65
C LYS B 18 -17.04 -34.29 -17.75
N GLU B 19 -17.28 -33.02 -18.08
CA GLU B 19 -16.18 -32.08 -18.16
C GLU B 19 -15.52 -31.89 -16.80
N LEU B 20 -16.32 -31.80 -15.73
CA LEU B 20 -15.79 -31.60 -14.39
C LEU B 20 -15.04 -32.81 -13.87
N GLU B 21 -15.07 -33.93 -14.59
CA GLU B 21 -14.27 -35.08 -14.21
C GLU B 21 -12.78 -34.78 -14.29
N ASP B 22 -12.40 -33.82 -15.13
CA ASP B 22 -11.00 -33.47 -15.32
C ASP B 22 -10.53 -32.35 -14.40
N VAL B 23 -11.28 -32.08 -13.33
CA VAL B 23 -10.98 -30.89 -12.52
C VAL B 23 -9.62 -31.00 -11.86
N ASN B 24 -9.07 -32.21 -11.71
CA ASN B 24 -7.76 -32.38 -11.11
C ASN B 24 -6.63 -32.43 -12.15
N LYS B 25 -6.91 -32.14 -13.41
CA LYS B 25 -5.94 -32.23 -14.50
C LYS B 25 -5.64 -30.84 -15.07
N TRP B 26 -4.37 -30.59 -15.37
CA TRP B 26 -3.99 -29.44 -16.18
C TRP B 26 -4.67 -29.52 -17.54
N GLY B 27 -5.29 -28.43 -17.97
CA GLY B 27 -5.91 -28.40 -19.27
C GLY B 27 -7.41 -28.64 -19.27
N LEU B 28 -8.07 -28.43 -18.14
CA LEU B 28 -9.51 -28.54 -18.08
C LEU B 28 -10.15 -27.64 -19.13
N HIS B 29 -11.22 -28.12 -19.77
CA HIS B 29 -11.88 -27.34 -20.82
C HIS B 29 -12.79 -26.30 -20.16
N VAL B 30 -12.17 -25.23 -19.66
CA VAL B 30 -12.89 -24.25 -18.85
C VAL B 30 -13.87 -23.44 -19.68
N PHE B 31 -13.58 -23.23 -20.96
CA PHE B 31 -14.51 -22.51 -21.82
C PHE B 31 -15.78 -23.33 -22.04
N ARG B 32 -15.63 -24.65 -22.17
CA ARG B 32 -16.78 -25.54 -22.29
C ARG B 32 -17.62 -25.51 -21.02
N ILE B 33 -16.97 -25.54 -19.86
CA ILE B 33 -17.66 -25.46 -18.57
C ILE B 33 -18.39 -24.13 -18.45
N ALA B 34 -17.78 -23.05 -18.93
CA ALA B 34 -18.44 -21.75 -18.90
C ALA B 34 -19.75 -21.78 -19.70
N GLU B 35 -19.71 -22.32 -20.92
CA GLU B 35 -20.91 -22.42 -21.75
C GLU B 35 -21.97 -23.30 -21.08
N LEU B 36 -21.58 -24.52 -20.71
CA LEU B 36 -22.55 -25.50 -20.22
C LEU B 36 -23.21 -25.05 -18.91
N SER B 37 -22.48 -24.32 -18.07
CA SER B 37 -22.98 -23.90 -16.77
C SER B 37 -23.79 -22.61 -16.83
N GLY B 38 -24.04 -22.08 -18.03
CA GLY B 38 -24.76 -20.82 -18.13
C GLY B 38 -23.94 -19.64 -17.66
N ASN B 39 -22.66 -19.61 -18.06
CA ASN B 39 -21.70 -18.56 -17.65
C ASN B 39 -21.50 -18.54 -16.14
N ARG B 40 -21.41 -19.72 -15.54
CA ARG B 40 -21.11 -19.82 -14.13
C ARG B 40 -19.88 -20.71 -13.88
N PRO B 41 -18.78 -20.57 -14.65
CA PRO B 41 -17.61 -21.43 -14.41
C PRO B 41 -16.99 -21.24 -13.04
N LEU B 42 -16.97 -20.01 -12.51
CA LEU B 42 -16.33 -19.84 -11.21
C LEU B 42 -17.13 -20.53 -10.10
N THR B 43 -18.46 -20.41 -10.13
CA THR B 43 -19.28 -21.04 -9.11
C THR B 43 -19.18 -22.56 -9.18
N VAL B 44 -19.29 -23.09 -10.39
CA VAL B 44 -19.25 -24.53 -10.61
C VAL B 44 -17.89 -25.12 -10.23
N ILE B 45 -16.81 -24.46 -10.64
CA ILE B 45 -15.49 -25.03 -10.38
C ILE B 45 -15.09 -24.86 -8.92
N MET B 46 -15.36 -23.69 -8.31
CA MET B 46 -15.13 -23.54 -6.88
C MET B 46 -15.90 -24.59 -6.07
N HIS B 47 -17.19 -24.77 -6.38
CA HIS B 47 -17.99 -25.73 -5.64
C HIS B 47 -17.42 -27.15 -5.77
N THR B 48 -17.07 -27.55 -7.00
CA THR B 48 -16.48 -28.87 -7.24
C THR B 48 -15.20 -29.04 -6.44
N ILE B 49 -14.35 -28.01 -6.46
CA ILE B 49 -13.07 -28.12 -5.77
C ILE B 49 -13.27 -28.13 -4.27
N PHE B 50 -14.24 -27.36 -3.76
CA PHE B 50 -14.50 -27.37 -2.32
C PHE B 50 -15.03 -28.73 -1.88
N GLN B 51 -15.86 -29.36 -2.73
CA GLN B 51 -16.32 -30.71 -2.42
C GLN B 51 -15.16 -31.69 -2.46
N GLU B 52 -14.35 -31.62 -3.53
CA GLU B 52 -13.25 -32.55 -3.76
C GLU B 52 -12.24 -32.53 -2.62
N ARG B 53 -11.95 -31.35 -2.09
CA ARG B 53 -11.00 -31.20 -1.00
C ARG B 53 -11.67 -31.27 0.38
N ASP B 54 -12.97 -31.53 0.40
CA ASP B 54 -13.75 -31.68 1.63
C ASP B 54 -13.69 -30.42 2.47
N LEU B 55 -13.67 -29.26 1.80
CA LEU B 55 -13.49 -28.01 2.51
C LEU B 55 -14.75 -27.59 3.25
N LEU B 56 -15.93 -27.97 2.75
CA LEU B 56 -17.17 -27.62 3.45
C LEU B 56 -17.23 -28.28 4.81
N LYS B 57 -16.80 -29.55 4.92
CA LYS B 57 -16.83 -30.19 6.22
C LYS B 57 -15.71 -29.71 7.14
N THR B 58 -14.51 -29.46 6.59
CA THR B 58 -13.40 -29.07 7.45
C THR B 58 -13.68 -27.73 8.14
N PHE B 59 -14.33 -26.80 7.42
CA PHE B 59 -14.51 -25.45 7.91
C PHE B 59 -15.97 -25.13 8.14
N LYS B 60 -16.82 -26.16 8.18
CA LYS B 60 -18.25 -26.04 8.48
C LYS B 60 -18.88 -24.93 7.67
N ILE B 61 -18.62 -24.92 6.38
CA ILE B 61 -19.20 -23.96 5.46
C ILE B 61 -20.55 -24.48 5.02
N PRO B 62 -21.65 -23.76 5.28
CA PRO B 62 -22.95 -24.18 4.73
C PRO B 62 -22.92 -24.12 3.22
N VAL B 63 -23.43 -25.17 2.59
CA VAL B 63 -23.37 -25.24 1.13
C VAL B 63 -24.15 -24.09 0.50
N ASP B 64 -25.25 -23.65 1.12
CA ASP B 64 -26.00 -22.56 0.52
C ASP B 64 -25.28 -21.22 0.68
N THR B 65 -24.52 -21.06 1.75
CA THR B 65 -23.70 -19.88 1.95
C THR B 65 -22.60 -19.80 0.89
N LEU B 66 -21.93 -20.94 0.66
CA LEU B 66 -20.91 -21.01 -0.37
C LEU B 66 -21.47 -20.61 -1.73
N ILE B 67 -22.61 -21.20 -2.11
CA ILE B 67 -23.15 -20.91 -3.43
C ILE B 67 -23.58 -19.46 -3.52
N THR B 68 -24.14 -18.91 -2.43
CA THR B 68 -24.56 -17.52 -2.48
C THR B 68 -23.36 -16.61 -2.66
N TYR B 69 -22.29 -16.87 -1.90
CA TYR B 69 -21.10 -16.04 -2.04
C TYR B 69 -20.48 -16.17 -3.43
N LEU B 70 -20.40 -17.39 -3.94
CA LEU B 70 -19.74 -17.61 -5.23
C LEU B 70 -20.52 -16.95 -6.35
N MET B 71 -21.85 -16.96 -6.26
CA MET B 71 -22.63 -16.34 -7.32
CA MET B 71 -22.63 -16.35 -7.33
C MET B 71 -22.49 -14.83 -7.31
N THR B 72 -22.44 -14.22 -6.12
CA THR B 72 -22.27 -12.77 -6.05
C THR B 72 -20.85 -12.37 -6.43
N LEU B 73 -19.85 -13.16 -6.04
CA LEU B 73 -18.48 -12.92 -6.51
C LEU B 73 -18.40 -13.00 -8.03
N GLU B 74 -18.98 -14.06 -8.62
CA GLU B 74 -18.96 -14.19 -10.08
C GLU B 74 -19.70 -13.03 -10.75
N ASP B 75 -20.78 -12.54 -10.13
CA ASP B 75 -21.49 -11.38 -10.66
C ASP B 75 -20.61 -10.14 -10.69
N HIS B 76 -19.61 -10.05 -9.84
CA HIS B 76 -18.80 -8.86 -9.78
C HIS B 76 -17.56 -8.95 -10.67
N TYR B 77 -17.40 -10.03 -11.45
CA TYR B 77 -16.53 -10.01 -12.61
C TYR B 77 -17.36 -9.52 -13.80
N HIS B 78 -16.75 -8.71 -14.64
CA HIS B 78 -17.46 -7.97 -15.67
C HIS B 78 -17.56 -8.81 -16.94
N ALA B 79 -18.79 -8.95 -17.45
CA ALA B 79 -18.99 -9.75 -18.64
C ALA B 79 -18.37 -9.09 -19.88
N ASP B 80 -18.31 -7.77 -19.94
CA ASP B 80 -17.82 -7.10 -21.14
C ASP B 80 -16.32 -6.84 -21.09
N VAL B 81 -15.60 -7.43 -20.15
CA VAL B 81 -14.15 -7.41 -20.12
C VAL B 81 -13.70 -8.75 -20.69
N ALA B 82 -12.94 -8.71 -21.79
CA ALA B 82 -12.73 -9.91 -22.61
C ALA B 82 -11.84 -10.92 -21.93
N TYR B 83 -10.84 -10.49 -21.16
CA TYR B 83 -9.93 -11.43 -20.53
C TYR B 83 -10.16 -11.53 -19.03
N HIS B 84 -10.13 -10.39 -18.33
CA HIS B 84 -10.17 -10.36 -16.87
C HIS B 84 -11.61 -10.47 -16.37
N ASN B 85 -12.18 -11.65 -16.60
CA ASN B 85 -13.56 -11.96 -16.23
C ASN B 85 -13.66 -13.26 -15.44
N ASN B 86 -14.88 -13.78 -15.27
CA ASN B 86 -15.09 -14.92 -14.38
C ASN B 86 -14.47 -16.20 -14.93
N ILE B 87 -14.32 -16.30 -16.26
CA ILE B 87 -13.64 -17.47 -16.82
C ILE B 87 -12.17 -17.46 -16.42
N HIS B 88 -11.53 -16.30 -16.49
CA HIS B 88 -10.14 -16.23 -16.04
C HIS B 88 -10.03 -16.56 -14.55
N ALA B 89 -10.93 -16.03 -13.72
CA ALA B 89 -10.92 -16.39 -12.30
C ALA B 89 -11.04 -17.90 -12.11
N ALA B 90 -12.00 -18.52 -12.80
CA ALA B 90 -12.19 -19.96 -12.67
C ALA B 90 -10.96 -20.74 -13.11
N ASP B 91 -10.27 -20.26 -14.17
CA ASP B 91 -9.07 -20.92 -14.67
C ASP B 91 -7.93 -20.83 -13.66
N VAL B 92 -7.76 -19.65 -13.03
CA VAL B 92 -6.69 -19.51 -12.04
C VAL B 92 -7.00 -20.37 -10.81
N VAL B 93 -8.25 -20.38 -10.34
CA VAL B 93 -8.65 -21.30 -9.27
C VAL B 93 -8.28 -22.73 -9.60
N GLN B 94 -8.69 -23.20 -10.76
CA GLN B 94 -8.48 -24.61 -11.05
C GLN B 94 -7.00 -24.92 -11.24
N SER B 95 -6.26 -23.98 -11.82
CA SER B 95 -4.83 -24.20 -11.94
C SER B 95 -4.13 -24.23 -10.58
N THR B 96 -4.48 -23.31 -9.68
CA THR B 96 -3.95 -23.37 -8.32
C THR B 96 -4.30 -24.68 -7.64
N HIS B 97 -5.54 -25.16 -7.85
CA HIS B 97 -5.98 -26.42 -7.28
C HIS B 97 -5.09 -27.57 -7.76
N VAL B 98 -4.70 -27.55 -9.03
CA VAL B 98 -3.79 -28.58 -9.52
C VAL B 98 -2.40 -28.42 -8.88
N LEU B 99 -1.87 -27.18 -8.86
CA LEU B 99 -0.51 -26.99 -8.36
C LEU B 99 -0.39 -27.33 -6.88
N LEU B 100 -1.46 -27.10 -6.13
CA LEU B 100 -1.45 -27.46 -4.71
C LEU B 100 -1.20 -28.95 -4.49
N SER B 101 -1.59 -29.79 -5.44
CA SER B 101 -1.46 -31.23 -5.28
C SER B 101 -0.17 -31.75 -5.89
N THR B 102 0.77 -30.88 -6.23
CA THR B 102 2.02 -31.35 -6.80
C THR B 102 2.76 -32.24 -5.79
N PRO B 103 3.28 -33.38 -6.21
CA PRO B 103 3.89 -34.31 -5.24
C PRO B 103 4.95 -33.69 -4.32
N ALA B 104 5.75 -32.74 -4.82
CA ALA B 104 6.79 -32.10 -4.00
C ALA B 104 6.23 -31.32 -2.82
N LEU B 105 4.93 -31.03 -2.81
CA LEU B 105 4.30 -30.28 -1.73
C LEU B 105 3.30 -31.13 -0.95
N GLU B 106 3.36 -32.45 -1.09
CA GLU B 106 2.43 -33.33 -0.39
CA GLU B 106 2.43 -33.34 -0.39
C GLU B 106 2.50 -33.12 1.12
N ALA B 107 1.34 -32.90 1.72
CA ALA B 107 1.15 -32.69 3.16
C ALA B 107 1.95 -31.52 3.72
N VAL B 108 2.40 -30.60 2.85
CA VAL B 108 3.15 -29.45 3.34
C VAL B 108 2.20 -28.41 3.94
N PHE B 109 1.10 -28.14 3.25
CA PHE B 109 0.23 -27.01 3.59
C PHE B 109 -0.94 -27.45 4.45
N THR B 110 -1.30 -26.60 5.40
CA THR B 110 -2.48 -26.86 6.21
C THR B 110 -3.75 -26.66 5.38
N ASP B 111 -4.85 -27.21 5.88
CA ASP B 111 -6.13 -26.99 5.21
C ASP B 111 -6.45 -25.50 5.12
N LEU B 112 -6.04 -24.72 6.10
CA LEU B 112 -6.35 -23.28 6.07
C LEU B 112 -5.52 -22.56 5.02
N GLU B 113 -4.26 -23.00 4.85
CA GLU B 113 -3.41 -22.48 3.78
C GLU B 113 -3.97 -22.83 2.42
N ILE B 114 -4.44 -24.08 2.26
CA ILE B 114 -5.09 -24.49 1.01
C ILE B 114 -6.31 -23.64 0.72
N LEU B 115 -7.17 -23.41 1.74
CA LEU B 115 -8.34 -22.58 1.57
C LEU B 115 -7.96 -21.15 1.19
N ALA B 116 -6.87 -20.63 1.78
CA ALA B 116 -6.46 -19.26 1.48
C ALA B 116 -6.01 -19.13 0.02
N ALA B 117 -5.24 -20.10 -0.45
CA ALA B 117 -4.73 -20.04 -1.83
C ALA B 117 -5.87 -20.14 -2.85
N ILE B 118 -6.84 -21.02 -2.61
CA ILE B 118 -7.95 -21.15 -3.54
C ILE B 118 -8.86 -19.93 -3.47
N PHE B 119 -9.16 -19.44 -2.24
CA PHE B 119 -9.98 -18.22 -2.13
C PHE B 119 -9.29 -17.03 -2.80
N ALA B 120 -7.99 -16.86 -2.56
CA ALA B 120 -7.22 -15.79 -3.18
C ALA B 120 -7.35 -15.87 -4.68
N SER B 121 -7.21 -17.07 -5.24
CA SER B 121 -7.33 -17.21 -6.68
C SER B 121 -8.71 -16.79 -7.16
N ALA B 122 -9.74 -17.12 -6.39
CA ALA B 122 -11.09 -16.84 -6.86
C ALA B 122 -11.38 -15.36 -6.90
N ILE B 123 -10.84 -14.61 -5.95
CA ILE B 123 -11.13 -13.17 -5.89
C ILE B 123 -10.08 -12.33 -6.59
N HIS B 124 -9.02 -12.94 -7.13
CA HIS B 124 -7.79 -12.15 -7.36
C HIS B 124 -7.94 -11.07 -8.42
N ASP B 125 -8.98 -11.11 -9.28
CA ASP B 125 -9.19 -10.08 -10.30
C ASP B 125 -10.61 -9.52 -10.27
N VAL B 126 -11.33 -9.65 -9.15
CA VAL B 126 -12.73 -9.26 -9.13
C VAL B 126 -12.88 -7.75 -9.39
N ASP B 127 -13.92 -7.42 -10.16
CA ASP B 127 -14.26 -6.04 -10.55
C ASP B 127 -13.14 -5.41 -11.38
N HIS B 128 -12.40 -6.21 -12.11
CA HIS B 128 -11.36 -5.68 -12.96
C HIS B 128 -11.98 -4.85 -14.09
N PRO B 129 -11.49 -3.63 -14.34
CA PRO B 129 -12.11 -2.77 -15.36
C PRO B 129 -11.62 -3.01 -16.76
N GLY B 130 -10.62 -3.87 -16.96
CA GLY B 130 -10.10 -4.12 -18.27
C GLY B 130 -8.98 -3.21 -18.71
N VAL B 131 -8.40 -2.45 -17.79
CA VAL B 131 -7.27 -1.57 -18.08
C VAL B 131 -6.24 -1.82 -17.00
N SER B 132 -5.00 -1.47 -17.31
CA SER B 132 -3.87 -1.77 -16.45
C SER B 132 -3.75 -0.77 -15.31
N ASN B 133 -2.95 -1.14 -14.32
CA ASN B 133 -2.57 -0.18 -13.28
C ASN B 133 -1.96 1.07 -13.89
N GLN B 134 -1.03 0.92 -14.86
CA GLN B 134 -0.39 2.11 -15.40
C GLN B 134 -1.42 3.02 -16.06
N PHE B 135 -2.41 2.45 -16.75
CA PHE B 135 -3.46 3.25 -17.35
C PHE B 135 -4.22 4.01 -16.26
N LEU B 136 -4.60 3.31 -15.20
CA LEU B 136 -5.35 3.96 -14.13
C LEU B 136 -4.53 5.07 -13.49
N ILE B 137 -3.23 4.86 -13.34
CA ILE B 137 -2.35 5.91 -12.81
C ILE B 137 -2.28 7.09 -13.76
N ASN B 138 -1.99 6.81 -15.05
CA ASN B 138 -1.76 7.87 -16.03
C ASN B 138 -3.01 8.68 -16.36
N THR B 139 -4.20 8.13 -16.15
CA THR B 139 -5.45 8.86 -16.39
C THR B 139 -6.01 9.49 -15.11
N ASN B 140 -5.25 9.48 -14.02
CA ASN B 140 -5.69 10.10 -12.77
C ASN B 140 -7.03 9.53 -12.29
N SER B 141 -7.18 8.21 -12.42
CA SER B 141 -8.42 7.55 -12.05
C SER B 141 -8.69 7.65 -10.55
N GLU B 142 -9.97 7.49 -10.19
CA GLU B 142 -10.32 7.52 -8.78
C GLU B 142 -9.70 6.36 -8.02
N LEU B 143 -9.51 5.22 -8.71
CA LEU B 143 -8.92 4.08 -8.05
C LEU B 143 -7.46 4.34 -7.74
N ALA B 144 -6.72 4.94 -8.67
CA ALA B 144 -5.33 5.26 -8.35
C ALA B 144 -5.23 6.34 -7.29
N LEU B 145 -6.21 7.25 -7.24
CA LEU B 145 -6.23 8.25 -6.17
C LEU B 145 -6.48 7.58 -4.82
N MET B 146 -7.38 6.63 -4.77
CA MET B 146 -7.65 5.92 -3.51
CA MET B 146 -7.65 5.93 -3.51
C MET B 146 -6.42 5.16 -3.03
N TYR B 147 -5.68 4.54 -3.96
CA TYR B 147 -4.63 3.62 -3.56
C TYR B 147 -3.22 4.17 -3.78
N ASN B 148 -3.07 5.48 -4.02
CA ASN B 148 -1.74 6.12 -4.06
C ASN B 148 -0.80 5.44 -5.04
N ASP B 149 -1.37 5.08 -6.20
CA ASP B 149 -0.66 4.56 -7.37
C ASP B 149 0.01 3.22 -7.10
N SER B 150 -0.28 2.55 -5.98
CA SER B 150 0.46 1.37 -5.54
C SER B 150 -0.43 0.12 -5.54
N SER B 151 -0.07 -0.89 -6.34
CA SER B 151 -0.88 -2.09 -6.56
C SER B 151 -2.35 -1.73 -6.59
N VAL B 152 -2.68 -0.81 -7.50
CA VAL B 152 -4.01 -0.20 -7.47
C VAL B 152 -5.11 -1.26 -7.63
N LEU B 153 -5.03 -2.05 -8.70
CA LEU B 153 -6.10 -3.00 -8.94
C LEU B 153 -6.08 -4.10 -7.91
N GLU B 154 -4.89 -4.56 -7.51
CA GLU B 154 -4.82 -5.71 -6.61
C GLU B 154 -5.35 -5.36 -5.23
N ASN B 155 -5.05 -4.15 -4.75
CA ASN B 155 -5.71 -3.71 -3.51
C ASN B 155 -7.23 -3.70 -3.67
N HIS B 156 -7.73 -3.19 -4.80
CA HIS B 156 -9.16 -3.13 -5.05
C HIS B 156 -9.79 -4.51 -5.14
N HIS B 157 -9.14 -5.47 -5.83
CA HIS B 157 -9.69 -6.83 -5.89
C HIS B 157 -9.88 -7.42 -4.51
N LEU B 158 -8.88 -7.23 -3.65
CA LEU B 158 -8.95 -7.73 -2.28
C LEU B 158 -10.11 -7.08 -1.53
N ALA B 159 -10.22 -5.75 -1.63
CA ALA B 159 -11.25 -5.06 -0.84
C ALA B 159 -12.63 -5.50 -1.28
N VAL B 160 -12.85 -5.64 -2.59
CA VAL B 160 -14.15 -6.07 -3.09
C VAL B 160 -14.39 -7.53 -2.70
N GLY B 161 -13.40 -8.40 -2.89
CA GLY B 161 -13.63 -9.80 -2.56
C GLY B 161 -13.97 -10.03 -1.10
N PHE B 162 -13.32 -9.30 -0.20
CA PHE B 162 -13.66 -9.39 1.23
C PHE B 162 -14.99 -8.71 1.52
N LYS B 163 -15.25 -7.57 0.88
CA LYS B 163 -16.50 -6.84 1.14
CA LYS B 163 -16.50 -6.84 1.14
C LYS B 163 -17.71 -7.70 0.83
N LEU B 164 -17.62 -8.53 -0.20
CA LEU B 164 -18.75 -9.36 -0.59
C LEU B 164 -19.06 -10.42 0.46
N LEU B 165 -18.13 -10.75 1.34
CA LEU B 165 -18.44 -11.64 2.45
C LEU B 165 -19.48 -11.04 3.39
N GLN B 166 -19.70 -9.72 3.33
CA GLN B 166 -20.65 -9.04 4.21
C GLN B 166 -22.09 -9.11 3.70
N GLU B 167 -22.31 -9.54 2.47
CA GLU B 167 -23.65 -9.61 1.92
C GLU B 167 -24.44 -10.72 2.62
N GLU B 168 -25.76 -10.71 2.41
CA GLU B 168 -26.64 -11.63 3.11
C GLU B 168 -26.29 -13.07 2.81
N ASN B 169 -26.01 -13.85 3.86
CA ASN B 169 -25.71 -15.28 3.74
C ASN B 169 -24.53 -15.52 2.81
N CYS B 170 -23.52 -14.66 2.91
CA CYS B 170 -22.31 -14.78 2.10
C CYS B 170 -21.05 -15.02 2.90
N ASP B 171 -21.10 -15.05 4.24
CA ASP B 171 -19.88 -15.24 5.01
C ASP B 171 -19.54 -16.72 5.06
N ILE B 172 -18.70 -17.15 4.13
CA ILE B 172 -18.30 -18.56 4.12
C ILE B 172 -17.32 -18.88 5.22
N PHE B 173 -16.74 -17.88 5.88
CA PHE B 173 -15.78 -18.13 6.95
C PHE B 173 -16.41 -17.98 8.33
N GLN B 174 -17.75 -18.01 8.40
CA GLN B 174 -18.47 -17.70 9.64
C GLN B 174 -18.12 -18.67 10.76
N ASN B 175 -17.82 -19.92 10.44
CA ASN B 175 -17.49 -20.92 11.45
C ASN B 175 -15.99 -21.14 11.62
N LEU B 176 -15.17 -20.26 11.05
CA LEU B 176 -13.76 -20.27 11.38
C LEU B 176 -13.56 -19.59 12.72
N THR B 177 -12.55 -20.07 13.47
CA THR B 177 -12.20 -19.38 14.70
C THR B 177 -11.71 -17.97 14.39
N LYS B 178 -11.71 -17.11 15.40
CA LYS B 178 -11.19 -15.76 15.22
C LYS B 178 -9.77 -15.81 14.68
N LYS B 179 -8.92 -16.66 15.29
CA LYS B 179 -7.53 -16.71 14.86
CA LYS B 179 -7.52 -16.77 14.89
C LYS B 179 -7.40 -17.26 13.45
N GLN B 180 -8.25 -18.21 13.06
CA GLN B 180 -8.18 -18.75 11.70
C GLN B 180 -8.53 -17.67 10.68
N ARG B 181 -9.57 -16.89 10.99
CA ARG B 181 -10.00 -15.81 10.11
C ARG B 181 -8.90 -14.77 9.95
N GLN B 182 -8.22 -14.41 11.05
CA GLN B 182 -7.15 -13.42 10.91
C GLN B 182 -6.01 -13.97 10.09
N SER B 183 -5.69 -15.25 10.25
CA SER B 183 -4.61 -15.86 9.49
CA SER B 183 -4.62 -15.88 9.49
C SER B 183 -4.98 -15.96 8.01
N LEU B 184 -6.21 -16.41 7.72
CA LEU B 184 -6.64 -16.49 6.33
C LEU B 184 -6.61 -15.11 5.66
N ARG B 185 -7.13 -14.10 6.34
CA ARG B 185 -7.15 -12.76 5.75
C ARG B 185 -5.73 -12.31 5.37
N LYS B 186 -4.78 -12.49 6.29
CA LYS B 186 -3.41 -12.06 6.01
C LYS B 186 -2.86 -12.81 4.81
N MET B 187 -3.19 -14.09 4.73
CA MET B 187 -2.55 -14.94 3.72
C MET B 187 -3.09 -14.55 2.37
N VAL B 188 -4.41 -14.29 2.31
CA VAL B 188 -5.08 -13.92 1.07
C VAL B 188 -4.58 -12.57 0.57
N ILE B 189 -4.43 -11.61 1.50
CA ILE B 189 -3.87 -10.32 1.12
C ILE B 189 -2.47 -10.51 0.53
N ASP B 190 -1.60 -11.28 1.22
CA ASP B 190 -0.23 -11.49 0.76
C ASP B 190 -0.21 -12.13 -0.63
N ILE B 191 -1.15 -13.02 -0.88
CA ILE B 191 -1.17 -13.72 -2.17
C ILE B 191 -1.67 -12.81 -3.29
N VAL B 192 -2.82 -12.14 -3.10
CA VAL B 192 -3.33 -11.33 -4.19
C VAL B 192 -2.40 -10.15 -4.49
N LEU B 193 -1.75 -9.56 -3.46
CA LEU B 193 -0.83 -8.46 -3.78
C LEU B 193 0.33 -8.92 -4.63
N ALA B 194 0.76 -10.17 -4.49
CA ALA B 194 1.84 -10.75 -5.29
C ALA B 194 1.45 -11.00 -6.74
N THR B 195 0.17 -10.83 -7.10
CA THR B 195 -0.19 -10.92 -8.51
C THR B 195 0.03 -9.63 -9.29
N ASP B 196 0.40 -8.54 -8.62
CA ASP B 196 0.77 -7.31 -9.32
C ASP B 196 2.04 -7.52 -10.13
N MET B 197 1.98 -7.35 -11.47
CA MET B 197 3.17 -7.64 -12.27
C MET B 197 4.34 -6.75 -11.96
N SER B 198 4.15 -5.58 -11.34
CA SER B 198 5.32 -4.81 -11.00
C SER B 198 6.16 -5.46 -9.89
N LYS B 199 5.64 -6.50 -9.22
CA LYS B 199 6.42 -7.24 -8.24
C LYS B 199 7.05 -8.50 -8.80
N HIS B 200 6.86 -8.76 -10.09
CA HIS B 200 7.25 -10.05 -10.65
C HIS B 200 8.77 -10.28 -10.57
N MET B 201 9.57 -9.29 -10.97
CA MET B 201 11.02 -9.54 -10.95
C MET B 201 11.56 -9.78 -9.56
N ASN B 202 11.03 -9.06 -8.56
CA ASN B 202 11.46 -9.30 -7.20
C ASN B 202 10.99 -10.64 -6.68
N LEU B 203 9.73 -11.02 -6.96
CA LEU B 203 9.26 -12.35 -6.61
C LEU B 203 10.13 -13.42 -7.25
N LEU B 204 10.46 -13.25 -8.53
CA LEU B 204 11.26 -14.25 -9.22
C LEU B 204 12.67 -14.32 -8.67
N ALA B 205 13.30 -13.15 -8.41
CA ALA B 205 14.66 -13.16 -7.88
C ALA B 205 14.70 -13.89 -6.54
N ASP B 206 13.70 -13.66 -5.70
CA ASP B 206 13.64 -14.36 -4.43
C ASP B 206 13.32 -15.83 -4.59
N LEU B 207 12.44 -16.18 -5.55
CA LEU B 207 12.14 -17.60 -5.71
C LEU B 207 13.37 -18.35 -6.19
N LYS B 208 14.15 -17.75 -7.09
CA LYS B 208 15.38 -18.39 -7.55
C LYS B 208 16.30 -18.70 -6.37
N THR B 209 16.45 -17.75 -5.44
CA THR B 209 17.28 -17.99 -4.27
C THR B 209 16.69 -19.06 -3.37
N MET B 210 15.36 -19.10 -3.23
CA MET B 210 14.77 -20.18 -2.43
C MET B 210 15.04 -21.53 -3.04
N VAL B 211 14.98 -21.62 -4.38
CA VAL B 211 15.29 -22.89 -5.04
C VAL B 211 16.72 -23.31 -4.74
N GLU B 212 17.64 -22.36 -4.82
CA GLU B 212 19.07 -22.59 -4.57
C GLU B 212 19.31 -23.29 -3.24
N THR B 213 18.57 -22.90 -2.21
CA THR B 213 18.82 -23.36 -0.84
C THR B 213 17.72 -24.25 -0.31
N LYS B 214 16.87 -24.82 -1.19
CA LYS B 214 15.71 -25.55 -0.72
C LYS B 214 16.09 -26.83 0.03
N LYS B 215 15.22 -27.22 0.96
CA LYS B 215 15.38 -28.38 1.83
C LYS B 215 14.26 -29.36 1.54
N VAL B 216 14.60 -30.64 1.41
CA VAL B 216 13.61 -31.66 1.12
C VAL B 216 13.71 -32.77 2.15
N THR B 217 12.55 -33.37 2.49
CA THR B 217 12.52 -34.49 3.41
C THR B 217 13.26 -35.69 2.84
N SER B 218 13.13 -36.84 3.50
CA SER B 218 13.45 -38.09 2.84
C SER B 218 12.57 -38.17 1.60
N SER B 219 11.32 -38.61 1.77
CA SER B 219 10.30 -38.74 0.74
C SER B 219 10.40 -37.81 -0.48
N GLY B 220 11.25 -36.78 -0.44
CA GLY B 220 11.39 -35.84 -1.52
C GLY B 220 10.49 -34.63 -1.45
N VAL B 221 9.81 -34.42 -0.34
CA VAL B 221 8.84 -33.34 -0.19
C VAL B 221 9.56 -32.11 0.36
N LEU B 222 9.19 -30.93 -0.12
CA LEU B 222 9.83 -29.70 0.32
C LEU B 222 9.56 -29.46 1.81
N LEU B 223 10.56 -28.88 2.48
CA LEU B 223 10.50 -28.49 3.88
CA LEU B 223 10.49 -28.48 3.89
C LEU B 223 10.38 -26.96 3.96
N LEU B 224 9.24 -26.48 4.42
CA LEU B 224 8.96 -25.04 4.55
C LEU B 224 8.66 -24.73 6.03
N ASP B 225 9.66 -24.17 6.73
CA ASP B 225 9.62 -24.10 8.19
C ASP B 225 8.69 -23.01 8.71
N ASN B 226 8.88 -21.78 8.26
CA ASN B 226 8.17 -20.63 8.83
C ASN B 226 7.18 -20.03 7.83
N TYR B 227 6.44 -19.04 8.31
CA TYR B 227 5.43 -18.38 7.48
C TYR B 227 6.06 -17.77 6.23
N SER B 228 7.20 -17.12 6.37
CA SER B 228 7.83 -16.44 5.25
C SER B 228 8.08 -17.40 4.10
N ASP B 229 8.58 -18.61 4.39
CA ASP B 229 8.86 -19.55 3.30
C ASP B 229 7.56 -20.12 2.73
N ARG B 230 6.59 -20.39 3.61
CA ARG B 230 5.32 -20.95 3.18
C ARG B 230 4.57 -19.96 2.28
N ILE B 231 4.46 -18.71 2.73
CA ILE B 231 3.67 -17.75 1.97
C ILE B 231 4.38 -17.45 0.65
N GLN B 232 5.71 -17.50 0.64
CA GLN B 232 6.43 -17.25 -0.59
C GLN B 232 6.09 -18.31 -1.64
N VAL B 233 5.93 -19.56 -1.22
CA VAL B 233 5.57 -20.61 -2.17
C VAL B 233 4.15 -20.42 -2.65
N LEU B 234 3.20 -20.07 -1.75
CA LEU B 234 1.83 -19.84 -2.19
C LEU B 234 1.74 -18.61 -3.11
N GLN B 235 2.54 -17.58 -2.85
CA GLN B 235 2.49 -16.39 -3.72
C GLN B 235 2.93 -16.74 -5.12
N ASN B 236 4.06 -17.43 -5.23
CA ASN B 236 4.54 -17.81 -6.54
C ASN B 236 3.64 -18.84 -7.17
N MET B 237 2.98 -19.68 -6.38
CA MET B 237 2.18 -20.71 -7.00
C MET B 237 0.94 -20.06 -7.64
N VAL B 238 0.33 -19.08 -6.97
CA VAL B 238 -0.81 -18.41 -7.58
C VAL B 238 -0.38 -17.49 -8.74
N HIS B 239 0.78 -16.86 -8.63
CA HIS B 239 1.35 -16.06 -9.72
C HIS B 239 1.57 -16.94 -10.95
N CYS B 240 2.09 -18.16 -10.74
CA CYS B 240 2.25 -19.12 -11.84
C CYS B 240 0.91 -19.48 -12.44
N ALA B 241 -0.08 -19.75 -11.60
CA ALA B 241 -1.41 -20.04 -12.13
C ALA B 241 -1.97 -18.86 -12.93
N ASP B 242 -1.76 -17.63 -12.43
CA ASP B 242 -2.18 -16.44 -13.16
C ASP B 242 -1.48 -16.32 -14.50
N LEU B 243 -0.26 -16.81 -14.57
CA LEU B 243 0.56 -16.76 -15.77
C LEU B 243 0.66 -18.14 -16.44
N SER B 244 -0.41 -18.92 -16.40
CA SER B 244 -0.34 -20.29 -16.90
C SER B 244 -0.88 -20.45 -18.32
N ASN B 245 -1.53 -19.44 -18.89
CA ASN B 245 -2.16 -19.63 -20.21
C ASN B 245 -1.22 -20.27 -21.23
N PRO B 246 0.04 -19.83 -21.37
CA PRO B 246 0.90 -20.40 -22.41
C PRO B 246 1.38 -21.82 -22.13
N THR B 247 1.09 -22.35 -20.95
CA THR B 247 1.45 -23.71 -20.58
C THR B 247 0.32 -24.67 -20.86
N LYS B 248 -0.80 -24.18 -21.36
CA LYS B 248 -1.97 -24.99 -21.61
C LYS B 248 -1.97 -25.49 -23.06
N PRO B 249 -2.77 -26.52 -23.36
CA PRO B 249 -2.90 -26.96 -24.76
C PRO B 249 -3.25 -25.80 -25.67
N LEU B 250 -2.71 -25.85 -26.89
CA LEU B 250 -2.83 -24.75 -27.83
C LEU B 250 -4.25 -24.30 -28.08
N GLN B 251 -5.21 -25.21 -28.04
CA GLN B 251 -6.58 -24.77 -28.30
C GLN B 251 -7.10 -23.91 -27.15
N LEU B 252 -6.62 -24.13 -25.92
CA LEU B 252 -6.99 -23.23 -24.84
C LEU B 252 -6.19 -21.94 -24.92
N TYR B 253 -4.88 -22.08 -25.10
CA TYR B 253 -4.00 -20.93 -25.16
C TYR B 253 -4.42 -19.95 -26.25
N ARG B 254 -4.81 -20.44 -27.42
CA ARG B 254 -5.29 -19.54 -28.47
C ARG B 254 -6.47 -18.67 -28.00
N GLN B 255 -7.42 -19.26 -27.28
CA GLN B 255 -8.59 -18.52 -26.80
C GLN B 255 -8.18 -17.44 -25.81
N TRP B 256 -7.25 -17.77 -24.92
CA TRP B 256 -6.78 -16.77 -23.98
C TRP B 256 -6.07 -15.63 -24.70
N THR B 257 -5.31 -15.95 -25.73
CA THR B 257 -4.57 -14.92 -26.44
C THR B 257 -5.53 -13.99 -27.19
N ASP B 258 -6.57 -14.56 -27.80
CA ASP B 258 -7.60 -13.71 -28.42
C ASP B 258 -8.19 -12.74 -27.41
N ARG B 259 -8.50 -13.23 -26.22
CA ARG B 259 -9.17 -12.39 -25.23
C ARG B 259 -8.26 -11.28 -24.72
N ILE B 260 -7.00 -11.61 -24.40
CA ILE B 260 -6.14 -10.54 -23.87
C ILE B 260 -5.87 -9.50 -24.93
N MET B 261 -5.78 -9.90 -26.20
CA MET B 261 -5.51 -8.87 -27.19
CA MET B 261 -5.53 -8.92 -27.26
C MET B 261 -6.72 -7.99 -27.42
N GLU B 262 -7.93 -8.55 -27.33
CA GLU B 262 -9.13 -7.71 -27.43
C GLU B 262 -9.14 -6.69 -26.31
N GLU B 263 -8.79 -7.13 -25.10
CA GLU B 263 -8.84 -6.24 -23.96
C GLU B 263 -7.78 -5.15 -24.09
N PHE B 264 -6.54 -5.53 -24.43
CA PHE B 264 -5.45 -4.58 -24.64
C PHE B 264 -5.77 -3.57 -25.73
N PHE B 265 -6.34 -4.04 -26.84
CA PHE B 265 -6.62 -3.13 -27.94
C PHE B 265 -7.70 -2.13 -27.57
N ARG B 266 -8.66 -2.54 -26.74
CA ARG B 266 -9.64 -1.58 -26.26
C ARG B 266 -8.98 -0.54 -25.34
N GLN B 267 -7.99 -0.94 -24.54
CA GLN B 267 -7.27 0.06 -23.77
C GLN B 267 -6.49 0.99 -24.69
N GLY B 268 -5.86 0.42 -25.73
CA GLY B 268 -5.12 1.24 -26.67
C GLY B 268 -6.01 2.21 -27.42
N ASP B 269 -7.26 1.82 -27.68
CA ASP B 269 -8.20 2.74 -28.33
C ASP B 269 -8.52 3.91 -27.43
N ARG B 270 -8.60 3.67 -26.12
CA ARG B 270 -8.87 4.76 -25.19
C ARG B 270 -7.67 5.68 -25.06
N GLU B 271 -6.46 5.10 -25.05
CA GLU B 271 -5.24 5.90 -25.06
C GLU B 271 -5.15 6.74 -26.32
N ARG B 272 -5.50 6.16 -27.48
CA ARG B 272 -5.46 6.91 -28.72
C ARG B 272 -6.46 8.05 -28.73
N GLU B 273 -7.68 7.80 -28.24
CA GLU B 273 -8.70 8.86 -28.18
C GLU B 273 -8.23 10.02 -27.31
N ARG B 274 -7.47 9.72 -26.25
CA ARG B 274 -7.01 10.70 -25.28
C ARG B 274 -5.70 11.37 -25.69
N GLY B 275 -5.18 11.09 -26.88
CA GLY B 275 -3.90 11.62 -27.26
C GLY B 275 -2.71 11.02 -26.53
N MET B 276 -2.92 9.96 -25.76
CA MET B 276 -1.83 9.37 -25.00
C MET B 276 -0.97 8.49 -25.89
N GLU B 277 0.27 8.29 -25.46
CA GLU B 277 1.11 7.26 -26.05
C GLU B 277 0.46 5.90 -25.82
N ILE B 278 0.19 5.17 -26.91
CA ILE B 278 -0.44 3.86 -26.77
C ILE B 278 0.51 2.92 -26.06
N SER B 279 0.01 2.24 -25.02
CA SER B 279 0.84 1.33 -24.25
C SER B 279 1.35 0.22 -25.15
N PRO B 280 2.52 -0.36 -24.83
CA PRO B 280 3.03 -1.43 -25.69
C PRO B 280 2.03 -2.58 -25.76
N MET B 281 1.79 -3.03 -26.99
CA MET B 281 1.03 -4.22 -27.29
C MET B 281 -0.46 -3.90 -27.28
N CYS B 282 -0.80 -2.62 -27.23
CA CYS B 282 -2.18 -2.17 -27.18
C CYS B 282 -2.63 -1.47 -28.45
N ASP B 283 -1.80 -1.46 -29.49
CA ASP B 283 -2.13 -0.78 -30.75
C ASP B 283 -2.61 -1.81 -31.76
N LYS B 284 -3.92 -1.84 -32.00
CA LYS B 284 -4.47 -2.82 -32.94
C LYS B 284 -3.87 -2.71 -34.33
N HIS B 285 -3.32 -1.56 -34.69
CA HIS B 285 -2.80 -1.34 -36.04
C HIS B 285 -1.35 -1.78 -36.21
N ASN B 286 -0.55 -1.72 -35.15
CA ASN B 286 0.89 -1.94 -35.23
C ASN B 286 1.33 -2.91 -34.14
N ALA B 287 0.77 -4.12 -34.16
CA ALA B 287 1.16 -5.13 -33.18
C ALA B 287 1.05 -6.50 -33.82
N SER B 288 2.00 -7.38 -33.51
CA SER B 288 1.92 -8.78 -33.93
C SER B 288 1.70 -9.69 -32.74
N VAL B 289 0.69 -10.54 -32.88
CA VAL B 289 0.34 -11.52 -31.86
C VAL B 289 1.52 -12.44 -31.60
N GLU B 290 2.06 -13.02 -32.68
CA GLU B 290 3.16 -13.96 -32.56
C GLU B 290 4.35 -13.34 -31.86
N LYS B 291 4.81 -12.15 -32.28
CA LYS B 291 5.99 -11.62 -31.59
C LYS B 291 5.65 -11.31 -30.15
N SER B 292 4.44 -10.84 -29.89
CA SER B 292 4.10 -10.48 -28.52
C SER B 292 4.05 -11.71 -27.63
N GLN B 293 3.45 -12.81 -28.09
CA GLN B 293 3.43 -14.02 -27.27
C GLN B 293 4.84 -14.60 -27.09
N VAL B 294 5.65 -14.62 -28.14
CA VAL B 294 6.99 -15.17 -27.97
C VAL B 294 7.76 -14.33 -26.95
N GLY B 295 7.62 -13.00 -27.04
CA GLY B 295 8.24 -12.13 -26.06
C GLY B 295 7.70 -12.34 -24.65
N PHE B 296 6.38 -12.48 -24.51
CA PHE B 296 5.78 -12.76 -23.20
C PHE B 296 6.36 -14.03 -22.60
N ILE B 297 6.48 -15.09 -23.41
CA ILE B 297 7.01 -16.36 -22.93
C ILE B 297 8.49 -16.20 -22.57
N ASP B 298 9.27 -15.58 -23.47
CA ASP B 298 10.72 -15.54 -23.28
C ASP B 298 11.11 -14.71 -22.08
N TYR B 299 10.41 -13.60 -21.84
CA TYR B 299 10.83 -12.63 -20.85
C TYR B 299 10.10 -12.75 -19.54
N ILE B 300 8.93 -13.41 -19.50
CA ILE B 300 8.14 -13.48 -18.28
CA ILE B 300 8.15 -13.48 -18.27
C ILE B 300 7.78 -14.91 -17.93
N VAL B 301 7.04 -15.58 -18.81
CA VAL B 301 6.38 -16.83 -18.43
C VAL B 301 7.39 -17.97 -18.29
N HIS B 302 8.28 -18.14 -19.27
CA HIS B 302 9.22 -19.24 -19.15
C HIS B 302 10.23 -18.99 -18.02
N PRO B 303 10.76 -17.79 -17.82
CA PRO B 303 11.66 -17.62 -16.65
C PRO B 303 11.00 -18.01 -15.34
N LEU B 304 9.71 -17.69 -15.18
CA LEU B 304 8.98 -18.07 -13.97
C LEU B 304 8.74 -19.58 -13.90
N TRP B 305 8.21 -20.18 -14.96
CA TRP B 305 7.86 -21.59 -14.89
C TRP B 305 9.10 -22.49 -14.83
N GLU B 306 10.21 -22.11 -15.46
CA GLU B 306 11.40 -22.95 -15.30
C GLU B 306 11.88 -22.90 -13.86
N THR B 307 11.60 -21.80 -13.15
CA THR B 307 12.00 -21.73 -11.75
C THR B 307 11.04 -22.53 -10.87
N TRP B 308 9.73 -22.42 -11.12
CA TRP B 308 8.82 -23.30 -10.42
C TRP B 308 9.17 -24.77 -10.69
N ALA B 309 9.53 -25.09 -11.95
CA ALA B 309 9.83 -26.47 -12.30
C ALA B 309 11.06 -26.96 -11.53
N ASP B 310 12.04 -26.07 -11.34
CA ASP B 310 13.21 -26.38 -10.52
CA ASP B 310 13.20 -26.40 -10.53
C ASP B 310 12.81 -26.69 -9.08
N LEU B 311 11.90 -25.87 -8.52
CA LEU B 311 11.50 -26.06 -7.14
C LEU B 311 10.87 -27.43 -6.92
N VAL B 312 10.04 -27.88 -7.86
CA VAL B 312 9.23 -29.08 -7.67
C VAL B 312 9.68 -30.23 -8.59
N HIS B 313 10.89 -30.16 -9.11
CA HIS B 313 11.37 -31.13 -10.11
C HIS B 313 11.18 -32.57 -9.62
N PRO B 314 10.62 -33.46 -10.45
CA PRO B 314 10.28 -33.26 -11.85
C PRO B 314 8.79 -33.03 -12.09
N ASP B 315 8.09 -32.56 -11.05
CA ASP B 315 6.63 -32.57 -11.07
C ASP B 315 6.06 -31.77 -12.24
N ALA B 316 6.70 -30.66 -12.59
CA ALA B 316 6.15 -29.74 -13.58
C ALA B 316 6.75 -29.93 -14.98
N GLN B 317 7.44 -31.04 -15.23
CA GLN B 317 8.10 -31.18 -16.53
C GLN B 317 7.13 -31.21 -17.70
N ASP B 318 5.95 -31.82 -17.53
CA ASP B 318 5.01 -31.85 -18.65
C ASP B 318 4.49 -30.43 -18.94
N ILE B 319 4.25 -29.66 -17.88
CA ILE B 319 3.82 -28.28 -18.04
C ILE B 319 4.88 -27.47 -18.78
N LEU B 320 6.15 -27.60 -18.35
CA LEU B 320 7.23 -26.87 -18.99
C LEU B 320 7.42 -27.34 -20.43
N ASP B 321 7.25 -28.65 -20.69
CA ASP B 321 7.31 -29.17 -22.06
C ASP B 321 6.27 -28.51 -22.97
N THR B 322 5.02 -28.36 -22.49
CA THR B 322 3.99 -27.71 -23.29
C THR B 322 4.34 -26.25 -23.55
N LEU B 323 4.80 -25.55 -22.51
CA LEU B 323 5.21 -24.17 -22.67
C LEU B 323 6.26 -24.03 -23.74
N GLU B 324 7.29 -24.89 -23.69
CA GLU B 324 8.36 -24.82 -24.67
C GLU B 324 7.86 -25.18 -26.08
N ASP B 325 6.95 -26.15 -26.16
CA ASP B 325 6.34 -26.48 -27.46
C ASP B 325 5.54 -25.31 -28.01
N ASN B 326 4.75 -24.66 -27.15
CA ASN B 326 3.95 -23.54 -27.62
C ASN B 326 4.83 -22.37 -28.03
N ARG B 327 5.96 -22.14 -27.35
CA ARG B 327 6.86 -21.07 -27.76
C ARG B 327 7.44 -21.37 -29.14
N GLU B 328 7.91 -22.60 -29.34
CA GLU B 328 8.45 -23.01 -30.63
C GLU B 328 7.40 -22.88 -31.71
N TRP B 329 6.16 -23.17 -31.37
CA TRP B 329 5.07 -23.07 -32.32
C TRP B 329 4.82 -21.62 -32.73
N TYR B 330 4.74 -20.71 -31.76
CA TYR B 330 4.44 -19.31 -32.05
CA TYR B 330 4.41 -19.35 -32.14
C TYR B 330 5.58 -18.62 -32.79
N GLN B 331 6.81 -19.06 -32.58
CA GLN B 331 7.92 -18.41 -33.25
C GLN B 331 8.09 -18.92 -34.67
N SER B 332 7.40 -20.01 -35.02
CA SER B 332 7.74 -20.68 -36.28
C SER B 332 7.29 -19.90 -37.51
N THR B 333 6.32 -19.01 -37.39
CA THR B 333 5.90 -18.18 -38.52
C THR B 333 6.47 -16.77 -38.48
N ILE B 334 7.40 -16.48 -37.59
CA ILE B 334 8.12 -15.21 -37.60
C ILE B 334 9.40 -15.41 -38.41
N PRO B 335 9.59 -14.69 -39.52
CA PRO B 335 10.85 -14.80 -40.27
C PRO B 335 12.03 -14.49 -39.37
N GLN B 336 13.07 -15.30 -39.52
CA GLN B 336 14.25 -15.21 -38.68
C GLN B 336 15.49 -15.55 -39.50
N ALA B 337 16.61 -14.93 -39.14
CA ALA B 337 17.89 -15.33 -39.67
C ALA B 337 18.24 -16.71 -39.15
N HIS B 338 18.84 -17.52 -39.99
CA HIS B 338 19.06 -18.91 -39.63
C HIS B 338 20.53 -19.18 -39.35
ZN ZN C . 1.39 13.02 12.78
MG MG D . 0.06 9.85 11.31
MG MG E . 16.34 29.26 -4.69
MG MG F . -2.52 27.68 -15.60
MG MG G . 24.73 8.97 -1.85
MG MG H . -5.24 -3.98 38.21
C1 EDO I . -0.09 -2.04 11.50
O1 EDO I . -0.15 -0.73 10.92
C2 EDO I . -0.59 -1.96 12.94
O2 EDO I . 0.18 -0.95 13.62
C1 EDO J . 4.95 5.98 -4.54
O1 EDO J . 6.26 5.50 -4.86
C2 EDO J . 3.99 5.67 -5.66
O2 EDO J . 4.45 6.35 -6.85
C1 EDO K . 25.90 4.25 -0.83
O1 EDO K . 26.37 3.99 0.51
C2 EDO K . 24.42 4.60 -0.74
O2 EDO K . 24.29 5.49 0.39
C1 EDO L . -3.90 5.29 36.50
O1 EDO L . -2.60 5.13 37.06
C2 EDO L . -4.20 6.77 36.26
O2 EDO L . -5.25 7.18 37.15
C1 EDO M . -2.19 3.20 20.38
O1 EDO M . -1.22 3.22 19.33
C2 EDO M . -1.42 2.88 21.64
O2 EDO M . -0.91 1.54 21.57
C1 EDO N . -15.54 19.69 7.44
O1 EDO N . -14.69 18.72 8.07
C2 EDO N . -15.10 19.94 6.00
O2 EDO N . -16.23 20.45 5.28
C1 EDO O . -17.43 17.21 3.40
O1 EDO O . -16.43 16.37 2.82
C2 EDO O . -17.27 18.62 2.84
O2 EDO O . -17.49 18.58 1.42
C1 EDO P . -15.16 -6.19 19.75
O1 EDO P . -16.19 -5.49 19.04
C2 EDO P . -14.41 -7.15 18.83
O2 EDO P . -13.72 -6.39 17.82
C1 EDO Q . -10.55 10.30 -0.38
C1 EDO Q . -10.36 10.06 -0.62
O1 EDO Q . -10.80 9.22 0.54
O1 EDO Q . -11.24 9.12 0.03
C2 EDO Q . -10.72 9.81 -1.81
C2 EDO Q . -10.40 9.84 -2.13
O2 EDO Q . -11.94 9.06 -1.89
O2 EDO Q . -9.95 8.50 -2.44
C1 EDO R . 0.46 21.87 30.02
O1 EDO R . 0.24 23.05 29.22
C2 EDO R . 0.77 22.36 31.43
O2 EDO R . 1.70 23.44 31.29
C1 EDO S . 3.33 28.09 23.16
O1 EDO S . 2.05 28.24 22.54
C2 EDO S . 3.28 28.46 24.62
O2 EDO S . 2.60 27.38 25.25
C1 EDO T . 8.14 2.48 23.66
O1 EDO T . 7.39 1.26 23.82
C2 EDO T . 7.35 3.60 24.30
O2 EDO T . 6.19 3.86 23.49
C1 EDO U . 18.97 22.18 -6.56
O1 EDO U . 20.04 21.23 -6.41
C2 EDO U . 18.86 23.01 -5.30
O2 EDO U . 20.06 23.80 -5.18
C1 EDO V . 26.75 22.63 8.97
O1 EDO V . 27.22 22.82 7.62
C2 EDO V . 26.65 21.13 9.27
O2 EDO V . 27.96 20.54 9.38
C1 EDO W . 0.61 1.03 0.64
O1 EDO W . 0.19 0.38 1.84
C2 EDO W . 1.64 0.21 -0.14
O2 EDO W . 2.77 1.03 -0.53
C1 EDO X . 4.07 36.90 6.61
O1 EDO X . 3.01 36.17 7.24
C2 EDO X . 4.45 36.23 5.29
O2 EDO X . 5.73 35.58 5.41
C1 EDO Y . 3.04 1.04 2.82
O1 EDO Y . 2.28 0.01 3.49
C2 EDO Y . 4.33 0.52 2.18
O2 EDO Y . 5.36 1.53 2.27
C13 T3K Z . 1.16 7.08 15.54
C17 T3K Z . 3.84 9.37 14.71
C20 T3K Z . 3.11 6.79 13.98
C21 T3K Z . 3.32 9.38 21.21
C22 T3K Z . 3.52 10.13 22.32
C24 T3K Z . 3.05 8.23 23.52
C26 T3K Z . 2.46 7.19 25.57
C28 T3K Z . 4.19 7.19 23.90
C01 T3K Z . 3.88 13.58 23.29
C03 T3K Z . 3.59 11.49 22.23
C04 T3K Z . 3.46 12.15 21.02
C05 T3K Z . 3.25 11.39 19.88
C06 T3K Z . 3.19 10.02 20.01
C07 T3K Z . 2.98 9.04 18.91
C08 T3K Z . 4.09 8.71 17.96
C11 T3K Z . 0.23 7.76 17.71
C12 T3K Z . 0.21 8.05 16.23
C16 T3K Z . 2.43 8.97 14.33
C19 T3K Z . 4.51 7.13 14.50
C25 T3K Z . 1.97 8.11 24.70
C27 T3K Z . 4.10 7.14 25.26
N09 T3K Z . 1.89 8.47 18.90
N15 T3K Z . 2.16 7.61 14.65
O02 T3K Z . 3.80 12.19 23.40
O10 T3K Z . 1.58 7.53 17.96
O14 T3K Z . 1.05 5.92 15.75
O18 T3K Z . 4.81 8.48 14.20
O23 T3K Z . 3.66 9.49 23.56
ZN ZN AA . -5.34 -12.60 -13.16
MG MG BA . -4.67 -9.19 -11.74
MG MG CA . -7.95 -17.52 -33.67
MG MG DA . 14.98 -18.66 -21.11
C1 EDO EA . -1.03 -8.61 5.00
O1 EDO EA . 0.31 -8.84 5.45
C2 EDO EA . -1.59 -7.43 5.76
O2 EDO EA . -1.60 -7.86 7.13
C1 EDO FA . -6.93 -33.73 -19.77
O1 EDO FA . -6.05 -32.59 -19.82
C2 EDO FA . -8.17 -33.44 -20.60
O2 EDO FA . -8.89 -32.38 -19.97
C1 EDO GA . 16.94 -12.76 -4.09
O1 EDO GA . 18.05 -13.45 -3.49
C2 EDO GA . 17.18 -11.25 -4.17
O2 EDO GA . 15.96 -10.54 -4.37
C1 EDO HA . -17.05 -2.65 -17.46
O1 EDO HA . -17.57 -2.34 -16.17
C2 EDO HA . -15.56 -2.30 -17.49
O2 EDO HA . -15.36 -1.03 -16.87
C1 EDO IA . -11.39 2.37 -16.05
O1 EDO IA . -12.81 2.33 -16.14
C2 EDO IA . -10.94 3.81 -15.80
O2 EDO IA . -11.36 4.20 -14.49
C1 EDO JA . 6.66 -32.18 -25.21
O1 EDO JA . 5.23 -32.19 -25.16
C2 EDO JA . 7.24 -33.59 -25.19
O2 EDO JA . 8.67 -33.50 -25.08
C1 EDO KA . 17.11 -15.13 -17.32
O1 EDO KA . 17.17 -15.08 -18.76
C2 EDO KA . 15.63 -15.32 -16.94
O2 EDO KA . 15.43 -15.44 -15.53
C1 EDO LA . 13.16 -37.51 -10.74
O1 EDO LA . 12.16 -37.94 -9.80
C2 EDO LA . 14.19 -36.58 -10.08
O2 EDO LA . 14.90 -37.23 -9.00
C1 EDO MA . 3.34 -8.47 -1.25
O1 EDO MA . 2.23 -9.29 -0.85
C2 EDO MA . 3.77 -8.87 -2.65
O2 EDO MA . 5.03 -9.57 -2.66
C1 EDO NA . -0.50 -29.98 7.97
O1 EDO NA . -1.12 -30.63 6.85
C2 EDO NA . 0.74 -29.26 7.48
O2 EDO NA . 1.73 -29.27 8.52
C1 EDO OA . -12.70 -25.11 -24.76
O1 EDO OA . -12.71 -25.42 -23.37
C2 EDO OA . -11.84 -26.12 -25.51
O2 EDO OA . -10.58 -25.53 -25.89
C13 T3K PA . 3.46 -8.16 -20.50
C17 T3K PA . 7.23 -7.43 -20.53
C20 T3K PA . 5.27 -8.45 -22.27
C21 T3K PA . -0.32 -11.34 -21.14
C22 T3K PA . -0.63 -12.16 -22.20
C24 T3K PA . 0.23 -10.54 -23.52
C26 T3K PA . 0.42 -10.00 -25.80
C28 T3K PA . 1.76 -10.36 -23.87
C01 T3K PA . -2.71 -15.04 -23.11
C03 T3K PA . -1.49 -13.23 -22.06
C04 T3K PA . -2.06 -13.45 -20.81
C05 T3K PA . -1.74 -12.59 -19.73
C06 T3K PA . -0.86 -11.53 -19.91
C07 T3K PA . -0.36 -10.55 -18.86
C08 T3K PA . -0.38 -10.94 -17.39
C11 T3K PA . 1.37 -7.50 -19.20
C12 T3K PA . 2.91 -7.58 -19.19
C16 T3K PA . 5.76 -7.00 -20.41
C19 T3K PA . 6.73 -8.91 -22.30
C25 T3K PA . -0.51 -9.96 -24.81
C27 T3K PA . 1.77 -10.74 -25.16
N09 T3K PA . 0.20 -9.48 -19.25
N15 T3K PA . 4.79 -7.88 -21.02
O02 T3K PA . -1.74 -14.02 -23.21
O10 T3K PA . 0.77 -8.50 -18.41
O14 T3K PA . 2.78 -8.91 -21.13
O18 T3K PA . 7.60 -7.89 -21.83
O23 T3K PA . -0.02 -11.91 -23.43
#